data_3B9G
#
_entry.id   3B9G
#
_cell.length_a   54.177
_cell.length_b   74.881
_cell.length_c   72.424
_cell.angle_alpha   90.00
_cell.angle_beta   98.07
_cell.angle_gamma   90.00
#
_symmetry.space_group_name_H-M   'P 1 21 1'
#
loop_
_entity.id
_entity.type
_entity.pdbx_description
1 polymer 'IAG-nucleoside hydrolase'
2 non-polymer 'CALCIUM ION'
3 non-polymer 'SODIUM ION'
4 non-polymer 1,4-DIDEOXY-4-AZA-1-(S)-(9-DEAZAHYPOXANTHIN-9-YL)-D-RIBITOL
5 water water
#
_entity_poly.entity_id   1
_entity_poly.type   'polypeptide(L)'
_entity_poly.pdbx_seq_one_letter_code
;MRGSHHHHHHGSAKNVVLDHDGNLDDFVAMVLLASNTEKVRLIGALCTDADCFVENGFNVTGKIMCLMHNNMNLPLFPIG
KSAATAVNPFPKEWRCLAKNMDDMPILNIPENVELWDKIKAENEKYEGQQLLADLVMNSEEKVTICVTGPLSNVAWCIDK
YGEKFTSKVEECVIMGGAVDVRGNVFLPSTDGTAEWNIYWDPASAKTVFGCPGLRRIMFSLDSTNTVPVRSPYVQRFGEQ
TNFLLSILVGTMWAMGGGYAWDALTAAYVVDQKVANVDPVPIDVVVDKQPNEGATVRTDAENYPLTFVARNPEAEFFLDM
LLRSARAC
;
_entity_poly.pdbx_strand_id   A,B
#
loop_
_chem_comp.id
_chem_comp.type
_chem_comp.name
_chem_comp.formula
CA non-polymer 'CALCIUM ION' 'Ca 2'
IMH non-polymer 1,4-DIDEOXY-4-AZA-1-(S)-(9-DEAZAHYPOXANTHIN-9-YL)-D-RIBITOL 'C11 H14 N4 O4'
NA non-polymer 'SODIUM ION' 'Na 1'
#
# COMPACT_ATOMS: atom_id res chain seq x y z
N SER A 12 23.26 21.91 -21.28
CA SER A 12 23.54 20.45 -21.20
C SER A 12 22.26 19.64 -20.93
N ALA A 13 21.58 19.94 -19.82
CA ALA A 13 20.29 19.34 -19.52
C ALA A 13 19.24 19.78 -20.54
N LYS A 14 18.29 18.88 -20.82
CA LYS A 14 17.22 19.17 -21.75
C LYS A 14 15.92 19.37 -20.98
N ASN A 15 15.05 20.23 -21.52
CA ASN A 15 13.77 20.50 -20.89
C ASN A 15 12.83 19.31 -21.01
N VAL A 16 12.23 18.94 -19.89
CA VAL A 16 11.26 17.83 -19.85
C VAL A 16 10.01 18.25 -19.08
N VAL A 17 8.85 17.83 -19.59
CA VAL A 17 7.57 17.91 -18.87
C VAL A 17 7.06 16.49 -18.66
N LEU A 18 6.64 16.19 -17.44
CA LEU A 18 6.03 14.89 -17.11
C LEU A 18 4.52 15.02 -17.11
N ASP A 19 3.89 14.23 -17.96
CA ASP A 19 2.45 14.21 -18.15
C ASP A 19 1.99 12.85 -17.62
N HIS A 20 1.49 12.81 -16.39
CA HIS A 20 1.31 11.53 -15.70
C HIS A 20 -0.09 11.38 -15.12
N ASP A 21 -0.39 10.18 -14.63
CA ASP A 21 -1.69 9.94 -14.00
C ASP A 21 -1.60 9.34 -12.60
N GLY A 22 -0.50 9.59 -11.91
CA GLY A 22 -0.49 9.47 -10.45
C GLY A 22 -0.59 8.08 -9.87
N ASN A 23 -0.18 7.07 -10.62
CA ASN A 23 0.03 5.77 -10.01
C ASN A 23 1.46 5.64 -9.50
N LEU A 24 1.78 4.49 -8.91
CA LEU A 24 3.05 4.35 -8.22
C LEU A 24 4.22 4.46 -9.18
N ASP A 25 4.10 3.81 -10.34
CA ASP A 25 5.18 3.92 -11.32
C ASP A 25 5.32 5.31 -11.91
N ASP A 26 4.21 6.06 -12.00
CA ASP A 26 4.29 7.47 -12.44
C ASP A 26 5.19 8.24 -11.49
N PHE A 27 5.06 7.95 -10.21
CA PHE A 27 5.86 8.71 -9.24
C PHE A 27 7.30 8.27 -9.18
N VAL A 28 7.56 6.98 -9.42
CA VAL A 28 8.92 6.52 -9.59
C VAL A 28 9.52 7.20 -10.82
N ALA A 29 8.75 7.28 -11.90
CA ALA A 29 9.19 8.02 -13.10
C ALA A 29 9.56 9.46 -12.77
N MET A 30 8.69 10.13 -12.00
CA MET A 30 8.96 11.50 -11.58
C MET A 30 10.28 11.59 -10.82
N VAL A 31 10.50 10.71 -9.86
CA VAL A 31 11.75 10.73 -9.10
C VAL A 31 12.97 10.54 -10.02
N LEU A 32 12.86 9.61 -10.97
CA LEU A 32 13.96 9.36 -11.88
CA LEU A 32 13.94 9.36 -11.93
C LEU A 32 14.30 10.61 -12.72
N LEU A 33 13.27 11.28 -13.25
CA LEU A 33 13.48 12.47 -14.06
C LEU A 33 14.09 13.55 -13.18
N ALA A 34 13.47 13.80 -12.05
CA ALA A 34 13.88 14.91 -11.19
C ALA A 34 15.26 14.74 -10.60
N SER A 35 15.65 13.50 -10.28
CA SER A 35 16.93 13.23 -9.64
CA SER A 35 16.93 13.21 -9.63
C SER A 35 18.11 13.32 -10.59
N ASN A 36 17.84 13.25 -11.89
CA ASN A 36 18.90 13.27 -12.90
C ASN A 36 19.08 14.63 -13.55
N THR A 37 19.47 15.60 -12.72
CA THR A 37 19.55 17.01 -13.13
C THR A 37 20.61 17.32 -14.18
N GLU A 38 21.66 16.49 -14.24
CA GLU A 38 22.68 16.66 -15.28
C GLU A 38 22.07 16.51 -16.68
N LYS A 39 21.10 15.60 -16.80
CA LYS A 39 20.51 15.26 -18.08
C LYS A 39 19.15 15.89 -18.31
N VAL A 40 18.40 16.10 -17.22
CA VAL A 40 17.00 16.51 -17.30
C VAL A 40 16.73 17.76 -16.48
N ARG A 41 16.17 18.77 -17.14
CA ARG A 41 15.63 19.94 -16.47
C ARG A 41 14.11 19.79 -16.50
N LEU A 42 13.55 19.48 -15.33
CA LEU A 42 12.12 19.22 -15.22
C LEU A 42 11.42 20.57 -15.09
N ILE A 43 10.72 20.97 -16.15
CA ILE A 43 10.14 22.32 -16.20
C ILE A 43 8.63 22.35 -15.89
N GLY A 44 8.05 21.19 -15.67
CA GLY A 44 6.65 21.17 -15.34
C GLY A 44 6.13 19.75 -15.25
N ALA A 45 4.95 19.63 -14.66
CA ALA A 45 4.26 18.37 -14.57
C ALA A 45 2.76 18.61 -14.67
N LEU A 46 2.07 17.61 -15.20
CA LEU A 46 0.63 17.62 -15.12
CA LEU A 46 0.61 17.58 -15.30
C LEU A 46 0.11 16.25 -14.73
N CYS A 47 -1.02 16.29 -14.04
CA CYS A 47 -1.65 15.08 -13.57
CA CYS A 47 -1.68 15.11 -13.48
C CYS A 47 -3.05 14.95 -14.13
N THR A 48 -3.36 13.72 -14.54
CA THR A 48 -4.65 13.40 -15.15
C THR A 48 -5.44 12.46 -14.24
N ASP A 49 -6.76 12.66 -14.26
CA ASP A 49 -7.70 11.92 -13.43
C ASP A 49 -8.00 10.53 -14.00
N ALA A 50 -6.93 9.79 -14.30
CA ALA A 50 -7.01 8.48 -14.97
C ALA A 50 -6.74 7.40 -13.95
N ASP A 51 -5.49 6.95 -13.80
CA ASP A 51 -5.19 5.91 -12.79
C ASP A 51 -4.89 6.51 -11.41
N CYS A 52 -5.64 7.55 -11.08
CA CYS A 52 -5.50 8.31 -9.84
CA CYS A 52 -5.58 8.20 -9.78
C CYS A 52 -6.80 9.08 -9.65
N PHE A 53 -7.09 9.53 -8.42
CA PHE A 53 -7.97 10.68 -8.22
CA PHE A 53 -7.97 10.67 -8.27
C PHE A 53 -7.05 11.87 -8.28
N VAL A 54 -7.33 12.75 -9.23
CA VAL A 54 -6.38 13.80 -9.61
C VAL A 54 -5.94 14.71 -8.48
N GLU A 55 -6.79 14.98 -7.50
CA GLU A 55 -6.38 15.80 -6.38
C GLU A 55 -5.23 15.15 -5.61
N ASN A 56 -5.31 13.83 -5.47
CA ASN A 56 -4.28 13.12 -4.74
C ASN A 56 -2.98 13.08 -5.54
N GLY A 57 -3.08 12.83 -6.85
CA GLY A 57 -1.91 12.79 -7.72
C GLY A 57 -1.22 14.15 -7.73
N PHE A 58 -2.03 15.20 -7.75
CA PHE A 58 -1.54 16.58 -7.67
C PHE A 58 -0.76 16.81 -6.38
N ASN A 59 -1.35 16.42 -5.25
CA ASN A 59 -0.72 16.64 -3.95
CA ASN A 59 -0.69 16.64 -3.96
C ASN A 59 0.58 15.84 -3.81
N VAL A 60 0.57 14.59 -4.28
CA VAL A 60 1.77 13.77 -4.22
C VAL A 60 2.88 14.36 -5.10
N THR A 61 2.51 14.83 -6.30
CA THR A 61 3.50 15.49 -7.16
C THR A 61 4.14 16.69 -6.44
N GLY A 62 3.31 17.53 -5.81
CA GLY A 62 3.80 18.67 -5.07
C GLY A 62 4.70 18.27 -3.92
N LYS A 63 4.26 17.28 -3.16
CA LYS A 63 5.03 16.85 -2.01
C LYS A 63 6.38 16.24 -2.39
N ILE A 64 6.43 15.48 -3.48
CA ILE A 64 7.71 14.97 -3.97
C ILE A 64 8.62 16.12 -4.43
N MET A 65 8.07 17.03 -5.23
CA MET A 65 8.85 18.14 -5.72
C MET A 65 9.44 18.95 -4.56
N CYS A 66 8.64 19.19 -3.52
CA CYS A 66 9.09 20.02 -2.42
C CYS A 66 10.16 19.32 -1.58
N LEU A 67 9.98 18.02 -1.33
CA LEU A 67 11.03 17.22 -0.69
C LEU A 67 12.34 17.34 -1.46
N MET A 68 12.27 17.21 -2.78
CA MET A 68 13.47 17.22 -3.58
C MET A 68 14.07 18.62 -3.69
N HIS A 69 13.23 19.64 -3.72
CA HIS A 69 13.73 21.01 -3.70
C HIS A 69 14.54 21.30 -2.44
N ASN A 70 14.01 20.85 -1.30
CA ASN A 70 14.63 21.16 -0.01
C ASN A 70 15.86 20.31 0.27
N ASN A 71 16.01 19.19 -0.43
CA ASN A 71 17.10 18.25 -0.12
C ASN A 71 18.14 18.04 -1.22
N MET A 72 17.82 18.44 -2.44
CA MET A 72 18.81 18.39 -3.52
C MET A 72 18.76 19.60 -4.45
N ASN A 73 18.06 20.64 -4.01
CA ASN A 73 18.00 21.90 -4.76
C ASN A 73 17.34 21.78 -6.13
N LEU A 74 16.45 20.78 -6.29
CA LEU A 74 15.65 20.66 -7.51
C LEU A 74 14.82 21.94 -7.67
N PRO A 75 14.95 22.63 -8.82
CA PRO A 75 14.16 23.86 -8.96
C PRO A 75 12.66 23.56 -8.97
N LEU A 76 11.88 24.42 -8.35
CA LEU A 76 10.44 24.28 -8.34
C LEU A 76 9.89 24.51 -9.75
N PHE A 77 8.78 23.86 -10.06
CA PHE A 77 8.18 24.02 -11.40
C PHE A 77 6.66 23.99 -11.28
N PRO A 78 5.94 24.48 -12.29
CA PRO A 78 4.48 24.41 -12.29
C PRO A 78 3.94 23.00 -12.34
N ILE A 79 2.88 22.76 -11.58
CA ILE A 79 2.16 21.49 -11.59
C ILE A 79 0.69 21.79 -11.85
N GLY A 80 0.12 21.16 -12.88
CA GLY A 80 -1.26 21.41 -13.23
C GLY A 80 -2.09 20.15 -13.18
N LYS A 81 -3.39 20.33 -12.95
CA LYS A 81 -4.35 19.23 -13.04
CA LYS A 81 -4.35 19.24 -13.03
C LYS A 81 -5.10 19.33 -14.35
N SER A 82 -5.11 18.23 -15.10
CA SER A 82 -5.77 18.21 -16.39
C SER A 82 -7.29 18.06 -16.24
N ALA A 83 -8.02 18.76 -17.10
CA ALA A 83 -9.46 18.64 -17.18
C ALA A 83 -9.94 17.46 -18.04
N ALA A 84 -8.99 16.68 -18.56
CA ALA A 84 -9.34 15.54 -19.42
C ALA A 84 -10.30 14.58 -18.72
N THR A 85 -11.29 14.12 -19.47
CA THR A 85 -12.20 13.10 -18.95
CA THR A 85 -12.29 13.15 -19.02
C THR A 85 -12.05 11.82 -19.75
N ALA A 86 -12.24 10.71 -19.04
CA ALA A 86 -12.10 9.36 -19.60
C ALA A 86 -13.08 9.08 -20.73
N VAL A 87 -12.63 8.34 -21.73
CA VAL A 87 -13.58 7.65 -22.59
C VAL A 87 -13.98 6.35 -21.88
N ASN A 88 -12.97 5.62 -21.38
CA ASN A 88 -13.16 4.40 -20.59
C ASN A 88 -12.32 4.45 -19.27
N PRO A 89 -12.95 4.79 -18.12
CA PRO A 89 -12.22 5.00 -16.83
C PRO A 89 -11.46 3.79 -16.27
N PHE A 90 -10.32 4.05 -15.61
CA PHE A 90 -9.58 3.00 -14.89
C PHE A 90 -10.40 2.39 -13.76
N PRO A 91 -10.10 1.13 -13.36
CA PRO A 91 -10.78 0.52 -12.21
C PRO A 91 -10.52 1.33 -10.94
N LYS A 92 -11.58 1.53 -10.15
CA LYS A 92 -11.51 2.34 -8.92
C LYS A 92 -10.47 1.84 -7.92
N GLU A 93 -10.27 0.53 -7.89
CA GLU A 93 -9.39 -0.14 -6.93
C GLU A 93 -7.91 0.17 -7.15
N TRP A 94 -7.57 0.61 -8.37
CA TRP A 94 -6.19 0.98 -8.70
C TRP A 94 -5.96 2.47 -8.50
N ARG A 95 -7.04 3.25 -8.56
CA ARG A 95 -6.95 4.71 -8.54
C ARG A 95 -6.68 5.31 -7.17
N CYS A 96 -6.77 4.50 -6.12
CA CYS A 96 -6.63 4.99 -4.75
C CYS A 96 -5.17 5.10 -4.26
N LEU A 97 -4.22 4.63 -5.06
CA LEU A 97 -2.83 4.58 -4.62
C LEU A 97 -2.19 5.95 -4.34
N ALA A 98 -2.55 6.97 -5.12
CA ALA A 98 -2.04 8.32 -4.85
C ALA A 98 -2.54 8.83 -3.49
N LYS A 99 -3.76 8.42 -3.11
CA LYS A 99 -4.29 8.78 -1.79
C LYS A 99 -3.41 8.20 -0.70
N ASN A 100 -3.05 6.92 -0.84
CA ASN A 100 -2.13 6.28 0.09
C ASN A 100 -0.81 7.03 0.18
N MET A 101 -0.24 7.37 -0.97
CA MET A 101 1.03 8.06 -1.00
C MET A 101 0.96 9.42 -0.32
N ASP A 102 -0.15 10.11 -0.48
CA ASP A 102 -0.33 11.46 0.07
C ASP A 102 -0.19 11.43 1.59
N ASP A 103 -0.43 10.28 2.20
CA ASP A 103 -0.36 10.12 3.67
C ASP A 103 0.94 9.48 4.18
N MET A 104 1.85 9.15 3.28
CA MET A 104 3.10 8.51 3.66
C MET A 104 4.01 9.42 4.48
N PRO A 105 4.59 8.92 5.59
CA PRO A 105 5.48 9.78 6.40
C PRO A 105 6.56 10.52 5.61
N ILE A 106 7.19 9.82 4.67
CA ILE A 106 8.28 10.38 3.88
C ILE A 106 7.86 11.63 3.13
N LEU A 107 6.58 11.73 2.80
CA LEU A 107 6.07 12.87 2.03
C LEU A 107 5.42 13.93 2.90
N ASN A 108 5.47 13.72 4.22
CA ASN A 108 4.79 14.64 5.14
C ASN A 108 5.70 15.21 6.20
N ILE A 109 6.97 15.40 5.83
CA ILE A 109 7.92 16.05 6.71
C ILE A 109 7.60 17.55 6.74
N PRO A 110 7.44 18.14 7.94
CA PRO A 110 6.99 19.55 8.02
C PRO A 110 7.64 20.59 7.10
N GLU A 111 8.97 20.64 7.00
CA GLU A 111 9.60 21.65 6.15
C GLU A 111 9.17 21.50 4.69
N ASN A 112 8.90 20.26 4.27
CA ASN A 112 8.51 20.01 2.89
C ASN A 112 7.04 20.34 2.67
N VAL A 113 6.20 19.98 3.63
CA VAL A 113 4.76 20.26 3.55
C VAL A 113 4.48 21.76 3.66
N GLU A 114 5.27 22.45 4.47
CA GLU A 114 5.12 23.91 4.58
C GLU A 114 5.46 24.60 3.25
N LEU A 115 6.47 24.11 2.56
CA LEU A 115 6.80 24.64 1.26
C LEU A 115 5.65 24.36 0.27
N TRP A 116 5.15 23.14 0.24
CA TRP A 116 4.04 22.83 -0.65
C TRP A 116 2.83 23.70 -0.33
N ASP A 117 2.52 23.87 0.96
CA ASP A 117 1.40 24.71 1.36
C ASP A 117 1.54 26.13 0.82
N LYS A 118 2.77 26.63 0.80
CA LYS A 118 3.07 27.99 0.32
C LYS A 118 2.80 28.16 -1.17
N ILE A 119 3.11 27.13 -1.95
CA ILE A 119 3.05 27.26 -3.41
C ILE A 119 1.86 26.54 -4.07
N LYS A 120 1.07 25.83 -3.26
CA LYS A 120 -0.02 25.02 -3.78
C LYS A 120 -1.08 25.86 -4.52
N ALA A 121 -1.44 27.03 -3.99
CA ALA A 121 -2.54 27.82 -4.58
C ALA A 121 -2.24 28.28 -5.99
N GLU A 122 -0.99 28.64 -6.24
CA GLU A 122 -0.61 29.08 -7.59
C GLU A 122 -0.73 27.92 -8.57
N ASN A 123 -0.39 26.73 -8.10
CA ASN A 123 -0.48 25.54 -8.94
C ASN A 123 -1.92 25.08 -9.15
N GLU A 124 -2.75 25.28 -8.12
CA GLU A 124 -4.18 24.97 -8.22
C GLU A 124 -4.84 25.70 -9.37
N LYS A 125 -4.37 26.92 -9.63
CA LYS A 125 -5.02 27.78 -10.60
C LYS A 125 -4.79 27.32 -12.05
N TYR A 126 -3.76 26.50 -12.29
CA TYR A 126 -3.47 26.06 -13.66
C TYR A 126 -4.52 25.06 -14.10
N GLU A 127 -4.67 24.94 -15.40
CA GLU A 127 -5.36 23.80 -15.98
C GLU A 127 -4.30 23.11 -16.78
N GLY A 128 -4.14 21.82 -16.54
CA GLY A 128 -3.00 21.08 -17.05
C GLY A 128 -2.82 21.06 -18.55
N GLN A 129 -3.93 20.96 -19.29
CA GLN A 129 -3.84 20.91 -20.74
C GLN A 129 -3.25 22.21 -21.28
N GLN A 130 -3.77 23.35 -20.83
CA GLN A 130 -3.23 24.63 -21.25
C GLN A 130 -1.80 24.81 -20.74
N LEU A 131 -1.54 24.32 -19.52
CA LEU A 131 -0.19 24.38 -18.97
C LEU A 131 0.82 23.66 -19.85
N LEU A 132 0.45 22.46 -20.30
CA LEU A 132 1.32 21.70 -21.16
C LEU A 132 1.62 22.49 -22.43
N ALA A 133 0.57 23.06 -23.02
CA ALA A 133 0.72 23.86 -24.24
C ALA A 133 1.66 25.04 -24.00
N ASP A 134 1.41 25.76 -22.91
CA ASP A 134 2.21 26.94 -22.58
C ASP A 134 3.65 26.61 -22.29
N LEU A 135 3.91 25.56 -21.52
CA LEU A 135 5.28 25.19 -21.17
C LEU A 135 6.10 24.82 -22.41
N VAL A 136 5.47 24.09 -23.32
CA VAL A 136 6.13 23.67 -24.54
C VAL A 136 6.34 24.88 -25.46
N MET A 137 5.27 25.63 -25.68
CA MET A 137 5.33 26.73 -26.66
C MET A 137 6.14 27.94 -26.23
N ASN A 138 6.23 28.17 -24.92
CA ASN A 138 6.94 29.34 -24.39
C ASN A 138 8.37 29.07 -23.99
N SER A 139 8.78 27.81 -24.07
CA SER A 139 10.14 27.42 -23.76
C SER A 139 11.09 27.97 -24.83
N GLU A 140 12.29 28.37 -24.42
CA GLU A 140 13.28 28.83 -25.39
C GLU A 140 13.80 27.66 -26.22
N GLU A 141 14.11 26.55 -25.54
CA GLU A 141 14.58 25.32 -26.18
C GLU A 141 13.42 24.36 -26.34
N LYS A 142 13.59 23.35 -27.19
CA LYS A 142 12.56 22.33 -27.40
C LYS A 142 12.33 21.52 -26.13
N VAL A 143 11.13 20.95 -26.02
CA VAL A 143 10.73 20.25 -24.80
C VAL A 143 10.41 18.79 -25.09
N THR A 144 10.95 17.90 -24.26
CA THR A 144 10.58 16.48 -24.31
C THR A 144 9.40 16.25 -23.38
N ILE A 145 8.36 15.61 -23.90
CA ILE A 145 7.20 15.30 -23.07
C ILE A 145 7.24 13.82 -22.72
N CYS A 146 7.35 13.53 -21.43
CA CYS A 146 7.30 12.15 -20.95
C CYS A 146 5.86 11.89 -20.53
N VAL A 147 5.18 11.03 -21.29
CA VAL A 147 3.77 10.74 -21.07
C VAL A 147 3.63 9.37 -20.44
N THR A 148 3.13 9.35 -19.21
CA THR A 148 3.03 8.10 -18.47
C THR A 148 1.60 7.79 -18.08
N GLY A 149 0.66 8.65 -18.44
CA GLY A 149 -0.76 8.35 -18.37
C GLY A 149 -1.32 8.34 -19.79
N PRO A 150 -2.65 8.53 -19.93
CA PRO A 150 -3.28 8.62 -21.25
C PRO A 150 -2.78 9.80 -22.09
N LEU A 151 -3.06 9.73 -23.39
CA LEU A 151 -2.54 10.68 -24.34
C LEU A 151 -3.46 11.88 -24.55
N SER A 152 -4.46 12.01 -23.70
CA SER A 152 -5.44 13.09 -23.82
C SER A 152 -4.85 14.49 -23.87
N ASN A 153 -3.79 14.73 -23.12
CA ASN A 153 -3.28 16.11 -23.01
C ASN A 153 -2.44 16.50 -24.19
N VAL A 154 -1.61 15.57 -24.67
CA VAL A 154 -0.86 15.82 -25.88
C VAL A 154 -1.83 16.01 -27.06
N ALA A 155 -2.86 15.18 -27.14
CA ALA A 155 -3.87 15.32 -28.21
C ALA A 155 -4.57 16.67 -28.16
N TRP A 156 -4.89 17.14 -26.96
CA TRP A 156 -5.60 18.42 -26.80
C TRP A 156 -4.73 19.56 -27.33
N CYS A 157 -3.42 19.49 -27.05
CA CYS A 157 -2.49 20.50 -27.56
C CYS A 157 -2.34 20.46 -29.07
N ILE A 158 -2.24 19.26 -29.63
CA ILE A 158 -2.18 19.11 -31.10
C ILE A 158 -3.45 19.67 -31.74
N ASP A 159 -4.60 19.32 -31.17
CA ASP A 159 -5.88 19.76 -31.70
C ASP A 159 -5.99 21.28 -31.67
N LYS A 160 -5.55 21.89 -30.57
CA LYS A 160 -5.69 23.33 -30.39
C LYS A 160 -4.68 24.14 -31.19
N TYR A 161 -3.43 23.69 -31.20
CA TYR A 161 -2.32 24.49 -31.69
C TYR A 161 -1.60 23.90 -32.90
N GLY A 162 -1.79 22.61 -33.16
CA GLY A 162 -1.20 21.98 -34.33
C GLY A 162 0.31 22.18 -34.35
N GLU A 163 0.82 22.63 -35.50
CA GLU A 163 2.26 22.80 -35.72
C GLU A 163 2.92 23.80 -34.76
N LYS A 164 2.16 24.80 -34.31
CA LYS A 164 2.67 25.78 -33.33
C LYS A 164 3.08 25.11 -32.02
N PHE A 165 2.42 23.99 -31.72
CA PHE A 165 2.80 23.16 -30.58
C PHE A 165 3.85 22.12 -30.97
N THR A 166 3.55 21.32 -31.99
CA THR A 166 4.41 20.17 -32.30
C THR A 166 5.84 20.57 -32.69
N SER A 167 5.98 21.73 -33.32
CA SER A 167 7.31 22.21 -33.72
C SER A 167 8.20 22.54 -32.51
N LYS A 168 7.60 22.67 -31.33
CA LYS A 168 8.36 22.99 -30.11
C LYS A 168 8.65 21.74 -29.27
N VAL A 169 8.16 20.59 -29.74
CA VAL A 169 8.40 19.33 -29.05
C VAL A 169 9.64 18.65 -29.62
N GLU A 170 10.59 18.33 -28.74
CA GLU A 170 11.75 17.54 -29.11
C GLU A 170 11.29 16.13 -29.49
N GLU A 171 10.64 15.47 -28.54
CA GLU A 171 9.99 14.18 -28.78
C GLU A 171 9.04 13.90 -27.64
N CYS A 172 8.11 12.99 -27.88
CA CYS A 172 7.23 12.46 -26.85
CA CYS A 172 7.19 12.47 -26.90
C CYS A 172 7.71 11.07 -26.57
N VAL A 173 7.95 10.80 -25.28
CA VAL A 173 8.33 9.47 -24.86
C VAL A 173 7.15 8.96 -24.05
N ILE A 174 6.49 7.94 -24.60
CA ILE A 174 5.13 7.56 -24.20
C ILE A 174 5.13 6.15 -23.63
N MET A 175 4.53 5.98 -22.45
CA MET A 175 4.23 4.65 -21.96
C MET A 175 2.82 4.32 -22.43
N GLY A 176 2.70 3.30 -23.27
CA GLY A 176 1.38 2.88 -23.71
C GLY A 176 1.39 1.91 -24.86
N GLY A 177 0.29 1.18 -24.97
CA GLY A 177 0.10 0.29 -26.09
C GLY A 177 0.71 -1.09 -25.94
N ALA A 178 0.50 -1.86 -26.99
CA ALA A 178 0.98 -3.23 -27.08
C ALA A 178 0.95 -3.57 -28.55
N VAL A 179 2.10 -3.89 -29.12
CA VAL A 179 2.20 -4.00 -30.56
C VAL A 179 2.20 -5.47 -31.00
N ASP A 180 3.19 -6.23 -30.52
CA ASP A 180 3.33 -7.63 -30.89
C ASP A 180 3.12 -8.57 -29.71
N VAL A 181 2.55 -8.03 -28.64
CA VAL A 181 2.16 -8.81 -27.48
C VAL A 181 0.74 -8.40 -27.12
N ARG A 182 0.06 -9.23 -26.33
CA ARG A 182 -1.30 -8.91 -25.87
C ARG A 182 -1.28 -7.70 -24.93
N GLY A 183 -2.46 -7.17 -24.68
CA GLY A 183 -2.61 -5.98 -23.85
C GLY A 183 -2.82 -6.35 -22.40
N ASN A 184 -3.46 -5.43 -21.67
CA ASN A 184 -3.80 -5.66 -20.26
C ASN A 184 -5.20 -5.17 -19.90
N VAL A 185 -6.04 -4.92 -20.91
CA VAL A 185 -7.43 -4.55 -20.70
C VAL A 185 -8.30 -5.77 -20.89
N PHE A 186 -8.72 -6.34 -19.75
CA PHE A 186 -9.44 -7.61 -19.73
C PHE A 186 -10.85 -7.42 -19.19
N LEU A 187 -11.81 -7.34 -20.11
CA LEU A 187 -13.21 -7.09 -19.76
C LEU A 187 -14.08 -8.06 -20.55
N PRO A 188 -15.36 -8.24 -20.14
CA PRO A 188 -16.26 -9.14 -20.85
C PRO A 188 -16.43 -8.74 -22.30
N SER A 189 -16.22 -7.46 -22.58
CA SER A 189 -16.45 -6.87 -23.89
C SER A 189 -15.19 -6.73 -24.73
N THR A 190 -14.02 -7.12 -24.19
CA THR A 190 -12.76 -6.90 -24.93
C THR A 190 -12.09 -8.22 -25.27
N ASP A 191 -11.10 -8.15 -26.16
CA ASP A 191 -10.35 -9.33 -26.56
C ASP A 191 -8.96 -9.37 -25.93
N GLY A 192 -8.68 -8.43 -25.03
CA GLY A 192 -7.43 -8.44 -24.30
C GLY A 192 -6.23 -7.88 -25.04
N THR A 193 -6.44 -7.25 -26.20
CA THR A 193 -5.32 -6.76 -26.99
C THR A 193 -4.94 -5.31 -26.74
N ALA A 194 -5.76 -4.60 -25.97
CA ALA A 194 -5.50 -3.19 -25.68
C ALA A 194 -4.79 -3.01 -24.36
N GLU A 195 -4.02 -1.93 -24.27
CA GLU A 195 -3.35 -1.50 -23.05
C GLU A 195 -4.09 -0.30 -22.46
N TRP A 196 -4.07 -0.22 -21.12
CA TRP A 196 -4.94 0.69 -20.37
C TRP A 196 -4.77 2.19 -20.70
N ASN A 197 -3.54 2.68 -20.82
CA ASN A 197 -3.35 4.11 -21.10
C ASN A 197 -4.00 4.52 -22.40
N ILE A 198 -3.95 3.64 -23.40
CA ILE A 198 -4.57 3.91 -24.69
C ILE A 198 -6.09 3.75 -24.62
N TYR A 199 -6.51 2.64 -24.01
CA TYR A 199 -7.93 2.31 -23.85
C TYR A 199 -8.70 3.42 -23.11
N TRP A 200 -8.03 4.10 -22.18
CA TRP A 200 -8.69 5.18 -21.43
C TRP A 200 -9.20 6.28 -22.34
N ASP A 201 -8.48 6.56 -23.43
CA ASP A 201 -8.90 7.57 -24.38
C ASP A 201 -8.31 7.23 -25.75
N PRO A 202 -8.96 6.31 -26.47
CA PRO A 202 -8.47 5.88 -27.79
C PRO A 202 -8.36 7.02 -28.81
N ALA A 203 -9.37 7.90 -28.89
CA ALA A 203 -9.33 8.96 -29.88
C ALA A 203 -8.13 9.88 -29.70
N SER A 204 -7.81 10.22 -28.46
CA SER A 204 -6.67 11.07 -28.22
C SER A 204 -5.38 10.37 -28.60
N ALA A 205 -5.25 9.08 -28.27
CA ALA A 205 -4.10 8.32 -28.69
C ALA A 205 -3.94 8.28 -30.22
N LYS A 206 -5.06 8.11 -30.93
CA LYS A 206 -5.05 8.14 -32.40
C LYS A 206 -4.49 9.47 -32.91
N THR A 207 -4.95 10.57 -32.33
CA THR A 207 -4.46 11.88 -32.74
C THR A 207 -2.96 11.97 -32.58
N VAL A 208 -2.46 11.49 -31.44
CA VAL A 208 -1.03 11.57 -31.17
C VAL A 208 -0.22 10.66 -32.11
N PHE A 209 -0.61 9.39 -32.23
CA PHE A 209 0.19 8.47 -33.05
C PHE A 209 0.14 8.77 -34.56
N GLY A 210 -0.92 9.45 -35.00
CA GLY A 210 -1.06 9.82 -36.41
C GLY A 210 -0.54 11.19 -36.77
N CYS A 211 0.00 11.93 -35.80
CA CYS A 211 0.41 13.31 -36.03
C CYS A 211 1.75 13.36 -36.77
N PRO A 212 1.77 13.97 -37.98
CA PRO A 212 3.00 14.02 -38.75
C PRO A 212 4.09 14.92 -38.16
N GLY A 213 3.71 15.92 -37.39
CA GLY A 213 4.74 16.86 -36.93
C GLY A 213 5.66 16.43 -35.80
N LEU A 214 5.65 15.13 -35.43
CA LEU A 214 6.01 14.74 -34.06
C LEU A 214 6.86 13.48 -33.94
N ARG A 215 7.98 13.57 -33.23
CA ARG A 215 8.77 12.38 -32.94
C ARG A 215 8.21 11.72 -31.69
N ARG A 216 7.93 10.43 -31.81
CA ARG A 216 7.38 9.63 -30.71
C ARG A 216 8.23 8.41 -30.46
N ILE A 217 8.56 8.18 -29.19
CA ILE A 217 9.17 6.94 -28.71
C ILE A 217 8.10 6.28 -27.87
N MET A 218 7.87 5.00 -28.10
CA MET A 218 6.78 4.27 -27.45
C MET A 218 7.29 3.08 -26.65
N PHE A 219 7.10 3.14 -25.34
CA PHE A 219 7.32 1.99 -24.47
C PHE A 219 6.00 1.28 -24.30
N SER A 220 5.77 0.30 -25.17
CA SER A 220 4.57 -0.51 -25.13
C SER A 220 4.87 -1.72 -24.24
N LEU A 221 3.85 -2.55 -24.02
CA LEU A 221 4.03 -3.74 -23.18
C LEU A 221 5.11 -4.67 -23.72
N ASP A 222 5.36 -4.58 -25.04
CA ASP A 222 6.45 -5.36 -25.67
C ASP A 222 7.76 -5.21 -24.90
N SER A 223 8.07 -3.98 -24.49
CA SER A 223 9.30 -3.71 -23.77
C SER A 223 9.11 -3.80 -22.25
N THR A 224 7.99 -3.25 -21.75
CA THR A 224 7.86 -3.15 -20.30
C THR A 224 7.65 -4.53 -19.65
N ASN A 225 7.10 -5.48 -20.40
CA ASN A 225 6.90 -6.86 -19.90
C ASN A 225 8.23 -7.52 -19.54
N THR A 226 9.32 -7.03 -20.13
CA THR A 226 10.60 -7.72 -20.01
C THR A 226 11.43 -7.22 -18.83
N VAL A 227 10.90 -6.24 -18.09
CA VAL A 227 11.61 -5.68 -16.93
C VAL A 227 10.75 -5.82 -15.66
N PRO A 228 10.69 -7.06 -15.11
CA PRO A 228 9.89 -7.24 -13.92
C PRO A 228 10.54 -6.57 -12.69
N VAL A 229 9.69 -6.15 -11.77
CA VAL A 229 10.11 -5.59 -10.48
C VAL A 229 9.90 -6.70 -9.45
N ARG A 230 11.01 -7.21 -8.94
CA ARG A 230 10.96 -8.37 -8.05
C ARG A 230 11.39 -7.99 -6.64
N SER A 231 10.95 -8.80 -5.68
CA SER A 231 11.17 -8.50 -4.26
C SER A 231 12.64 -8.29 -3.90
N PRO A 232 13.55 -9.17 -4.35
CA PRO A 232 14.93 -8.94 -3.96
C PRO A 232 15.44 -7.56 -4.37
N TYR A 233 15.13 -7.12 -5.60
CA TYR A 233 15.55 -5.79 -6.06
C TYR A 233 14.91 -4.68 -5.19
N VAL A 234 13.62 -4.77 -4.97
CA VAL A 234 12.94 -3.79 -4.14
C VAL A 234 13.59 -3.72 -2.76
N GLN A 235 13.89 -4.87 -2.18
CA GLN A 235 14.54 -4.90 -0.87
C GLN A 235 15.92 -4.22 -0.83
N ARG A 236 16.57 -4.06 -1.99
CA ARG A 236 17.86 -3.36 -2.03
C ARG A 236 17.76 -1.88 -1.65
N PHE A 237 16.56 -1.31 -1.79
CA PHE A 237 16.38 0.06 -1.34
C PHE A 237 16.54 0.19 0.17
N GLY A 238 16.36 -0.93 0.88
CA GLY A 238 16.57 -0.98 2.33
C GLY A 238 18.01 -0.76 2.74
N GLU A 239 18.94 -1.01 1.82
CA GLU A 239 20.36 -0.73 2.08
C GLU A 239 20.63 0.77 2.09
N GLN A 240 19.68 1.55 1.56
CA GLN A 240 19.84 2.98 1.35
C GLN A 240 18.82 3.83 2.15
N THR A 241 18.36 3.37 3.33
CA THR A 241 17.38 4.15 4.13
C THR A 241 17.85 5.53 4.60
N ASN A 242 19.16 5.79 4.54
CA ASN A 242 19.71 7.14 4.75
C ASN A 242 19.36 8.15 3.64
N PHE A 243 18.79 7.66 2.55
CA PHE A 243 18.39 8.52 1.43
C PHE A 243 16.88 8.62 1.34
N LEU A 244 16.36 9.84 1.44
CA LEU A 244 14.91 10.06 1.34
C LEU A 244 14.31 9.43 0.08
N LEU A 245 15.04 9.52 -1.04
CA LEU A 245 14.53 8.99 -2.31
C LEU A 245 14.48 7.47 -2.34
N SER A 246 15.33 6.81 -1.55
CA SER A 246 15.29 5.35 -1.46
C SER A 246 14.15 4.86 -0.58
N ILE A 247 13.87 5.58 0.51
CA ILE A 247 12.66 5.31 1.27
C ILE A 247 11.43 5.49 0.36
N LEU A 248 11.43 6.58 -0.41
CA LEU A 248 10.29 6.89 -1.28
C LEU A 248 10.11 5.85 -2.40
N VAL A 249 11.16 5.63 -3.18
CA VAL A 249 11.06 4.69 -4.29
C VAL A 249 10.81 3.25 -3.81
N GLY A 250 11.57 2.84 -2.80
CA GLY A 250 11.41 1.49 -2.26
C GLY A 250 10.00 1.25 -1.74
N THR A 251 9.44 2.25 -1.06
CA THR A 251 8.08 2.15 -0.54
C THR A 251 7.09 1.98 -1.70
N MET A 252 7.27 2.78 -2.74
CA MET A 252 6.34 2.70 -3.87
C MET A 252 6.43 1.36 -4.62
N TRP A 253 7.63 0.85 -4.85
CA TRP A 253 7.76 -0.48 -5.44
C TRP A 253 7.19 -1.58 -4.56
N ALA A 254 7.38 -1.47 -3.25
CA ALA A 254 6.87 -2.45 -2.30
C ALA A 254 5.34 -2.52 -2.35
N MET A 255 4.70 -1.39 -2.66
CA MET A 255 3.25 -1.30 -2.74
CA MET A 255 3.25 -1.35 -2.73
C MET A 255 2.69 -1.73 -4.09
N GLY A 256 3.56 -1.74 -5.11
CA GLY A 256 3.13 -1.91 -6.49
C GLY A 256 3.01 -3.33 -7.00
N GLY A 257 2.75 -3.43 -8.31
CA GLY A 257 2.62 -4.70 -8.99
C GLY A 257 3.95 -5.18 -9.53
N GLY A 258 3.91 -5.98 -10.59
CA GLY A 258 5.08 -6.70 -11.04
C GLY A 258 5.97 -5.98 -12.04
N TYR A 259 5.59 -4.77 -12.44
CA TYR A 259 6.29 -4.07 -13.52
C TYR A 259 6.69 -2.64 -13.23
N ALA A 260 7.53 -2.09 -14.11
CA ALA A 260 8.10 -0.77 -13.94
C ALA A 260 7.73 0.16 -15.10
N TRP A 261 6.57 -0.08 -15.69
CA TRP A 261 6.14 0.57 -16.95
C TRP A 261 6.63 2.00 -17.11
N ASP A 262 6.10 2.92 -16.30
CA ASP A 262 6.39 4.33 -16.50
C ASP A 262 7.82 4.67 -16.15
N ALA A 263 8.40 3.95 -15.21
CA ALA A 263 9.76 4.23 -14.78
C ALA A 263 10.76 3.92 -15.89
N LEU A 264 10.50 2.85 -16.63
CA LEU A 264 11.37 2.49 -17.75
C LEU A 264 11.31 3.57 -18.82
N THR A 265 10.11 4.07 -19.04
CA THR A 265 9.85 5.14 -19.99
C THR A 265 10.66 6.39 -19.61
N ALA A 266 10.60 6.77 -18.34
CA ALA A 266 11.39 7.92 -17.86
C ALA A 266 12.89 7.66 -17.93
N ALA A 267 13.31 6.44 -17.62
CA ALA A 267 14.74 6.09 -17.75
C ALA A 267 15.29 6.36 -19.15
N TYR A 268 14.50 6.08 -20.18
CA TYR A 268 14.90 6.39 -21.55
C TYR A 268 15.12 7.89 -21.78
N VAL A 269 14.26 8.72 -21.19
CA VAL A 269 14.45 10.16 -21.26
C VAL A 269 15.78 10.55 -20.63
N VAL A 270 16.14 9.92 -19.52
CA VAL A 270 17.42 10.17 -18.89
C VAL A 270 18.58 9.71 -19.78
N ASP A 271 18.46 8.49 -20.34
CA ASP A 271 19.55 7.94 -21.16
C ASP A 271 18.96 6.98 -22.17
N GLN A 272 19.07 7.34 -23.45
CA GLN A 272 18.45 6.53 -24.49
C GLN A 272 19.05 5.13 -24.68
N LYS A 273 20.18 4.85 -24.01
CA LYS A 273 20.76 3.52 -24.03
C LYS A 273 19.88 2.49 -23.30
N VAL A 274 18.86 2.98 -22.61
CA VAL A 274 17.88 2.10 -22.00
C VAL A 274 17.28 1.12 -23.03
N ALA A 275 17.08 1.58 -24.27
CA ALA A 275 16.49 0.72 -25.29
C ALA A 275 16.77 1.25 -26.69
N ASN A 276 17.04 0.31 -27.60
CA ASN A 276 16.99 0.65 -29.01
C ASN A 276 15.52 0.66 -29.46
N VAL A 277 15.26 1.32 -30.58
CA VAL A 277 13.89 1.55 -31.04
C VAL A 277 13.72 1.09 -32.49
N ASP A 278 12.47 0.83 -32.88
CA ASP A 278 12.11 0.20 -34.14
C ASP A 278 10.96 1.04 -34.69
N PRO A 279 11.12 1.62 -35.91
CA PRO A 279 10.01 2.43 -36.44
C PRO A 279 8.81 1.60 -36.88
N VAL A 280 7.63 1.94 -36.36
CA VAL A 280 6.38 1.24 -36.66
C VAL A 280 5.29 2.29 -36.91
N PRO A 281 4.50 2.16 -37.99
CA PRO A 281 3.35 3.04 -38.16
C PRO A 281 2.18 2.59 -37.29
N ILE A 282 1.83 3.41 -36.30
CA ILE A 282 0.85 3.00 -35.28
C ILE A 282 -0.47 3.72 -35.46
N ASP A 283 -1.54 2.94 -35.64
CA ASP A 283 -2.89 3.47 -35.61
C ASP A 283 -3.54 2.95 -34.32
N VAL A 284 -4.64 3.59 -33.93
CA VAL A 284 -5.37 3.19 -32.73
C VAL A 284 -6.81 2.91 -33.11
N VAL A 285 -7.30 1.76 -32.63
CA VAL A 285 -8.70 1.38 -32.82
C VAL A 285 -9.57 2.22 -31.90
N VAL A 286 -10.47 2.98 -32.51
CA VAL A 286 -11.34 3.88 -31.77
C VAL A 286 -12.81 3.44 -31.79
N ASP A 287 -13.18 2.59 -32.74
CA ASP A 287 -14.53 2.04 -32.76
C ASP A 287 -14.80 1.14 -31.56
N LYS A 288 -16.07 1.01 -31.21
CA LYS A 288 -16.47 0.22 -30.06
C LYS A 288 -16.52 -1.24 -30.48
N GLN A 289 -15.32 -1.82 -30.54
CA GLN A 289 -15.14 -3.22 -30.91
C GLN A 289 -14.32 -3.87 -29.81
N PRO A 290 -14.19 -5.22 -29.86
CA PRO A 290 -13.47 -5.90 -28.78
C PRO A 290 -12.04 -5.39 -28.54
N ASN A 291 -11.38 -4.92 -29.60
CA ASN A 291 -10.01 -4.43 -29.47
C ASN A 291 -9.94 -2.90 -29.46
N GLU A 292 -11.02 -2.28 -29.00
CA GLU A 292 -11.02 -0.84 -28.83
C GLU A 292 -9.77 -0.48 -28.02
N GLY A 293 -9.06 0.55 -28.47
CA GLY A 293 -7.87 0.97 -27.75
C GLY A 293 -6.59 0.25 -28.13
N ALA A 294 -6.70 -0.76 -29.01
CA ALA A 294 -5.49 -1.43 -29.50
C ALA A 294 -4.63 -0.52 -30.36
N THR A 295 -3.32 -0.67 -30.21
CA THR A 295 -2.36 -0.02 -31.08
C THR A 295 -1.99 -1.03 -32.13
N VAL A 296 -2.32 -0.72 -33.38
CA VAL A 296 -2.13 -1.69 -34.47
C VAL A 296 -1.22 -1.09 -35.53
N ARG A 297 -0.48 -1.93 -36.23
CA ARG A 297 0.22 -1.47 -37.44
C ARG A 297 -0.79 -1.07 -38.49
N THR A 298 -0.55 0.07 -39.11
CA THR A 298 -1.38 0.48 -40.23
C THR A 298 -0.56 0.47 -41.50
N ASP A 299 -1.20 0.12 -42.61
CA ASP A 299 -0.48 0.13 -43.88
C ASP A 299 -0.69 1.40 -44.70
N ALA A 300 -1.30 2.42 -44.11
CA ALA A 300 -1.55 3.69 -44.80
C ALA A 300 -0.24 4.24 -45.40
N GLU A 301 -0.31 4.69 -46.65
CA GLU A 301 0.88 5.22 -47.32
C GLU A 301 1.36 6.49 -46.62
N ASN A 302 2.68 6.63 -46.46
CA ASN A 302 3.28 7.80 -45.81
C ASN A 302 2.73 8.09 -44.41
N TYR A 303 2.40 7.06 -43.68
CA TYR A 303 1.86 7.26 -42.35
C TYR A 303 3.04 7.50 -41.40
N PRO A 304 2.87 8.42 -40.42
CA PRO A 304 3.99 8.74 -39.54
C PRO A 304 4.50 7.56 -38.71
N LEU A 305 5.80 7.52 -38.48
CA LEU A 305 6.42 6.43 -37.75
C LEU A 305 6.51 6.73 -36.25
N THR A 306 6.37 5.67 -35.47
CA THR A 306 6.58 5.71 -34.02
C THR A 306 7.70 4.73 -33.69
N PHE A 307 8.65 5.18 -32.86
CA PHE A 307 9.82 4.38 -32.54
C PHE A 307 9.55 3.57 -31.29
N VAL A 308 9.27 2.29 -31.51
CA VAL A 308 8.83 1.37 -30.48
C VAL A 308 10.06 0.80 -29.79
N ALA A 309 10.12 0.90 -28.47
CA ALA A 309 11.23 0.34 -27.72
C ALA A 309 11.29 -1.18 -27.82
N ARG A 310 12.49 -1.71 -27.97
CA ARG A 310 12.65 -3.16 -28.05
C ARG A 310 13.81 -3.59 -27.18
N ASN A 311 13.65 -4.71 -26.48
CA ASN A 311 14.75 -5.32 -25.73
C ASN A 311 15.46 -4.33 -24.79
N PRO A 312 14.73 -3.75 -23.84
CA PRO A 312 15.39 -2.78 -22.97
C PRO A 312 16.49 -3.39 -22.12
N GLU A 313 17.44 -2.54 -21.73
CA GLU A 313 18.57 -2.94 -20.90
C GLU A 313 18.15 -2.94 -19.43
N ALA A 314 17.72 -4.11 -18.99
CA ALA A 314 17.11 -4.25 -17.65
C ALA A 314 18.08 -3.93 -16.53
N GLU A 315 19.27 -4.51 -16.58
CA GLU A 315 20.27 -4.25 -15.56
C GLU A 315 20.67 -2.77 -15.51
N PHE A 316 20.86 -2.16 -16.68
CA PHE A 316 21.18 -0.74 -16.79
C PHE A 316 20.10 0.09 -16.11
N PHE A 317 18.84 -0.25 -16.37
CA PHE A 317 17.71 0.46 -15.76
C PHE A 317 17.70 0.29 -14.24
N LEU A 318 17.80 -0.97 -13.79
CA LEU A 318 17.73 -1.28 -12.37
C LEU A 318 18.85 -0.55 -11.60
N ASP A 319 20.04 -0.53 -12.18
CA ASP A 319 21.16 0.20 -11.59
C ASP A 319 20.94 1.71 -11.58
N MET A 320 20.41 2.24 -12.70
CA MET A 320 20.14 3.67 -12.80
C MET A 320 19.21 4.13 -11.69
N LEU A 321 18.18 3.33 -11.41
CA LEU A 321 17.20 3.72 -10.41
C LEU A 321 17.75 3.66 -8.98
N LEU A 322 18.49 2.60 -8.65
CA LEU A 322 19.12 2.50 -7.33
C LEU A 322 20.06 3.67 -7.10
N ARG A 323 20.87 3.98 -8.12
CA ARG A 323 21.80 5.12 -8.04
C ARG A 323 21.08 6.46 -7.93
N SER A 324 20.08 6.67 -8.77
CA SER A 324 19.30 7.90 -8.77
C SER A 324 18.66 8.16 -7.41
N ALA A 325 18.26 7.07 -6.75
CA ALA A 325 17.60 7.14 -5.45
C ALA A 325 18.58 7.43 -4.30
N ARG A 326 19.85 7.65 -4.63
CA ARG A 326 20.83 8.14 -3.66
C ARG A 326 21.07 9.64 -3.78
N ALA A 327 20.32 10.34 -4.63
CA ALA A 327 20.58 11.78 -4.86
C ALA A 327 20.25 12.60 -3.62
N CYS A 328 19.30 12.11 -2.82
CA CYS A 328 19.05 12.65 -1.48
C CYS A 328 18.13 11.71 -0.71
N ALA B 13 5.00 -4.87 34.74
CA ALA B 13 4.61 -5.32 33.38
C ALA B 13 3.93 -6.68 33.45
N LYS B 14 3.04 -6.93 32.50
CA LYS B 14 2.34 -8.21 32.43
C LYS B 14 2.73 -8.97 31.17
N ASN B 15 2.71 -10.29 31.26
CA ASN B 15 3.01 -11.13 30.12
C ASN B 15 1.90 -11.07 29.10
N VAL B 16 2.29 -10.86 27.84
CA VAL B 16 1.35 -10.82 26.72
C VAL B 16 1.86 -11.68 25.57
N VAL B 17 0.93 -12.40 24.95
CA VAL B 17 1.18 -13.11 23.68
C VAL B 17 0.27 -12.50 22.60
N LEU B 18 0.85 -12.17 21.45
CA LEU B 18 0.09 -11.67 20.32
C LEU B 18 -0.22 -12.81 19.35
N ASP B 19 -1.51 -13.01 19.12
CA ASP B 19 -2.04 -14.04 18.25
C ASP B 19 -2.68 -13.31 17.08
N HIS B 20 -1.96 -13.21 15.96
CA HIS B 20 -2.36 -12.29 14.90
C HIS B 20 -2.41 -12.93 13.53
N ASP B 21 -2.91 -12.20 12.54
CA ASP B 21 -2.97 -12.76 11.19
C ASP B 21 -2.37 -11.86 10.12
N GLY B 22 -1.43 -11.03 10.55
CA GLY B 22 -0.50 -10.44 9.59
C GLY B 22 -1.02 -9.40 8.63
N ASN B 23 -2.10 -8.71 8.99
CA ASN B 23 -2.50 -7.56 8.22
C ASN B 23 -1.94 -6.30 8.84
N LEU B 24 -2.22 -5.16 8.20
CA LEU B 24 -1.56 -3.92 8.59
C LEU B 24 -1.84 -3.53 10.04
N ASP B 25 -3.11 -3.64 10.45
CA ASP B 25 -3.44 -3.29 11.82
C ASP B 25 -2.87 -4.30 12.82
N ASP B 26 -2.72 -5.57 12.42
CA ASP B 26 -2.06 -6.55 13.29
C ASP B 26 -0.65 -6.09 13.62
N PHE B 27 0.03 -5.55 12.62
CA PHE B 27 1.40 -5.08 12.84
C PHE B 27 1.49 -3.77 13.62
N VAL B 28 0.50 -2.90 13.45
CA VAL B 28 0.43 -1.71 14.32
C VAL B 28 0.22 -2.18 15.77
N ALA B 29 -0.67 -3.16 15.94
CA ALA B 29 -0.92 -3.76 17.25
C ALA B 29 0.38 -4.31 17.87
N MET B 30 1.14 -5.01 17.06
CA MET B 30 2.42 -5.55 17.50
C MET B 30 3.34 -4.44 17.99
N VAL B 31 3.47 -3.37 17.22
CA VAL B 31 4.36 -2.26 17.57
C VAL B 31 3.89 -1.64 18.89
N LEU B 32 2.57 -1.47 19.02
CA LEU B 32 2.01 -0.90 20.24
CA LEU B 32 1.99 -0.93 20.25
C LEU B 32 2.36 -1.75 21.46
N LEU B 33 2.17 -3.06 21.35
CA LEU B 33 2.47 -3.97 22.48
C LEU B 33 3.94 -3.98 22.80
N ALA B 34 4.75 -4.16 21.77
CA ALA B 34 6.19 -4.30 21.93
C ALA B 34 6.85 -3.03 22.47
N SER B 35 6.36 -1.86 22.04
CA SER B 35 7.00 -0.61 22.41
C SER B 35 6.72 -0.21 23.86
N ASN B 36 5.62 -0.70 24.41
CA ASN B 36 5.20 -0.33 25.75
C ASN B 36 5.71 -1.28 26.83
N THR B 37 7.03 -1.35 26.95
CA THR B 37 7.67 -2.34 27.84
C THR B 37 7.37 -2.11 29.33
N GLU B 38 6.99 -0.89 29.69
CA GLU B 38 6.63 -0.59 31.08
C GLU B 38 5.37 -1.34 31.50
N LYS B 39 4.48 -1.54 30.55
CA LYS B 39 3.19 -2.15 30.84
C LYS B 39 3.10 -3.58 30.33
N VAL B 40 3.85 -3.87 29.26
CA VAL B 40 3.68 -5.11 28.51
C VAL B 40 5.02 -5.80 28.28
N ARG B 41 5.11 -7.05 28.73
CA ARG B 41 6.22 -7.93 28.41
C ARG B 41 5.74 -8.87 27.31
N LEU B 42 6.18 -8.61 26.09
CA LEU B 42 5.71 -9.38 24.94
C LEU B 42 6.53 -10.64 24.85
N ILE B 43 5.95 -11.76 25.28
CA ILE B 43 6.71 -13.01 25.44
C ILE B 43 6.59 -13.95 24.26
N GLY B 44 5.80 -13.59 23.25
CA GLY B 44 5.65 -14.47 22.11
C GLY B 44 4.66 -13.91 21.14
N ALA B 45 4.74 -14.40 19.92
CA ALA B 45 3.75 -14.07 18.90
C ALA B 45 3.48 -15.29 18.03
N LEU B 46 2.27 -15.38 17.52
CA LEU B 46 1.98 -16.39 16.52
C LEU B 46 1.26 -15.74 15.37
N CYS B 47 1.47 -16.28 14.17
CA CYS B 47 0.84 -15.75 12.97
CA CYS B 47 0.81 -15.74 13.00
CA CYS B 47 0.90 -15.75 12.94
C CYS B 47 0.03 -16.82 12.28
N THR B 48 -1.20 -16.46 11.92
CA THR B 48 -2.15 -17.37 11.27
C THR B 48 -2.36 -16.98 9.83
N ASP B 49 -2.49 -17.99 8.97
CA ASP B 49 -2.69 -17.87 7.52
C ASP B 49 -4.10 -17.38 7.16
N ALA B 50 -4.55 -16.32 7.84
CA ALA B 50 -5.91 -15.81 7.64
C ALA B 50 -5.88 -14.59 6.74
N ASP B 51 -5.73 -13.41 7.32
CA ASP B 51 -5.69 -12.18 6.53
C ASP B 51 -4.27 -11.89 6.05
N CYS B 52 -3.48 -12.93 5.83
CA CYS B 52 -2.15 -12.84 5.22
C CYS B 52 -1.83 -14.19 4.62
N PHE B 53 -0.70 -14.28 3.92
CA PHE B 53 -0.09 -15.56 3.65
C PHE B 53 0.95 -15.75 4.75
N VAL B 54 0.84 -16.85 5.46
CA VAL B 54 1.54 -17.02 6.73
C VAL B 54 3.07 -16.80 6.68
N GLU B 55 3.73 -17.22 5.59
CA GLU B 55 5.17 -17.00 5.48
C GLU B 55 5.54 -15.50 5.46
N ASN B 56 4.74 -14.69 4.77
CA ASN B 56 4.94 -13.23 4.77
C ASN B 56 4.66 -12.65 6.14
N GLY B 57 3.56 -13.08 6.77
CA GLY B 57 3.22 -12.59 8.12
C GLY B 57 4.30 -12.95 9.14
N PHE B 58 4.82 -14.17 9.01
CA PHE B 58 5.92 -14.64 9.87
C PHE B 58 7.15 -13.75 9.67
N ASN B 59 7.52 -13.52 8.42
CA ASN B 59 8.72 -12.75 8.12
CA ASN B 59 8.71 -12.75 8.10
C ASN B 59 8.59 -11.31 8.58
N VAL B 60 7.41 -10.71 8.38
CA VAL B 60 7.20 -9.33 8.82
C VAL B 60 7.23 -9.22 10.34
N THR B 61 6.67 -10.19 11.04
CA THR B 61 6.76 -10.23 12.50
C THR B 61 8.23 -10.23 12.92
N GLY B 62 9.01 -11.10 12.29
CA GLY B 62 10.42 -11.18 12.63
C GLY B 62 11.18 -9.89 12.33
N LYS B 63 10.91 -9.30 11.17
CA LYS B 63 11.60 -8.07 10.77
C LYS B 63 11.26 -6.93 11.69
N ILE B 64 10.00 -6.83 12.13
CA ILE B 64 9.62 -5.77 13.08
C ILE B 64 10.29 -6.00 14.42
N MET B 65 10.22 -7.23 14.93
CA MET B 65 10.87 -7.57 16.18
C MET B 65 12.36 -7.22 16.15
N CYS B 66 13.04 -7.55 15.06
CA CYS B 66 14.49 -7.30 14.96
C CYS B 66 14.84 -5.82 14.88
N LEU B 67 14.07 -5.07 14.10
CA LEU B 67 14.19 -3.62 14.08
C LEU B 67 14.09 -3.06 15.50
N MET B 68 13.09 -3.49 16.26
CA MET B 68 12.89 -2.95 17.60
C MET B 68 13.99 -3.41 18.57
N HIS B 69 14.35 -4.68 18.52
CA HIS B 69 15.42 -5.22 19.36
C HIS B 69 16.74 -4.50 19.18
N ASN B 70 17.04 -4.11 17.94
CA ASN B 70 18.30 -3.41 17.62
C ASN B 70 18.29 -1.91 17.98
N ASN B 71 17.15 -1.42 18.44
CA ASN B 71 17.00 0.03 18.62
C ASN B 71 16.39 0.46 19.94
N MET B 72 15.92 -0.49 20.74
CA MET B 72 15.40 -0.21 22.08
C MET B 72 15.51 -1.47 22.90
N ASN B 73 15.22 -1.35 24.18
CA ASN B 73 15.27 -2.51 25.08
C ASN B 73 14.05 -3.41 24.94
N LEU B 74 14.03 -4.19 23.85
CA LEU B 74 12.98 -5.15 23.59
C LEU B 74 13.61 -6.51 23.40
N PRO B 75 13.45 -7.40 24.41
CA PRO B 75 13.95 -8.76 24.29
C PRO B 75 13.32 -9.50 23.12
N LEU B 76 14.12 -10.33 22.45
CA LEU B 76 13.62 -11.27 21.45
C LEU B 76 12.62 -12.23 22.08
N PHE B 77 11.68 -12.70 21.25
CA PHE B 77 10.66 -13.62 21.73
C PHE B 77 10.36 -14.63 20.63
N PRO B 78 9.84 -15.81 21.01
CA PRO B 78 9.46 -16.80 20.01
C PRO B 78 8.33 -16.32 19.09
N ILE B 79 8.45 -16.68 17.83
CA ILE B 79 7.43 -16.41 16.82
C ILE B 79 7.07 -17.73 16.15
N GLY B 80 5.81 -18.08 16.17
CA GLY B 80 5.36 -19.36 15.61
C GLY B 80 4.30 -19.22 14.53
N LYS B 81 4.46 -19.97 13.45
CA LYS B 81 3.45 -20.05 12.41
C LYS B 81 2.39 -21.03 12.84
N SER B 82 1.14 -20.59 12.87
CA SER B 82 0.04 -21.47 13.25
CA SER B 82 0.06 -21.48 13.26
C SER B 82 -0.32 -22.42 12.12
N ALA B 83 -0.66 -23.65 12.51
CA ALA B 83 -1.14 -24.67 11.58
C ALA B 83 -2.63 -24.52 11.24
N ALA B 84 -3.31 -23.54 11.85
CA ALA B 84 -4.75 -23.34 11.65
C ALA B 84 -5.09 -23.16 10.18
N THR B 85 -6.18 -23.80 9.77
CA THR B 85 -6.67 -23.67 8.40
C THR B 85 -8.04 -23.00 8.43
N ALA B 86 -8.32 -22.26 7.36
CA ALA B 86 -9.56 -21.52 7.21
C ALA B 86 -10.79 -22.41 7.11
N VAL B 87 -11.89 -21.94 7.68
CA VAL B 87 -13.20 -22.45 7.29
C VAL B 87 -13.63 -21.62 6.07
N ASN B 88 -13.53 -20.29 6.19
CA ASN B 88 -13.88 -19.36 5.10
C ASN B 88 -12.72 -18.38 4.88
N PRO B 89 -11.86 -18.62 3.86
CA PRO B 89 -10.69 -17.74 3.64
C PRO B 89 -11.00 -16.23 3.43
N PHE B 90 -10.06 -15.39 3.86
CA PHE B 90 -10.10 -13.95 3.59
C PHE B 90 -9.95 -13.68 2.09
N PRO B 91 -10.43 -12.51 1.61
CA PRO B 91 -10.22 -12.13 0.21
C PRO B 91 -8.73 -12.05 -0.13
N LYS B 92 -8.34 -12.61 -1.27
CA LYS B 92 -6.94 -12.63 -1.72
C LYS B 92 -6.31 -11.23 -1.75
N GLU B 93 -7.11 -10.24 -2.12
CA GLU B 93 -6.68 -8.85 -2.24
C GLU B 93 -6.16 -8.26 -0.94
N TRP B 94 -6.73 -8.68 0.19
CA TRP B 94 -6.31 -8.16 1.48
C TRP B 94 -5.12 -8.93 2.03
N ARG B 95 -4.98 -10.18 1.60
CA ARG B 95 -3.97 -11.10 2.16
C ARG B 95 -2.55 -10.79 1.70
N CYS B 96 -2.42 -10.00 0.63
CA CYS B 96 -1.12 -9.66 0.06
CA CYS B 96 -1.12 -9.67 0.06
C CYS B 96 -0.38 -8.57 0.83
N LEU B 97 -1.05 -7.92 1.77
CA LEU B 97 -0.46 -6.76 2.44
C LEU B 97 0.83 -7.05 3.23
N ALA B 98 0.91 -8.22 3.87
CA ALA B 98 2.15 -8.60 4.56
C ALA B 98 3.30 -8.77 3.55
N LYS B 99 2.98 -9.25 2.34
CA LYS B 99 3.98 -9.36 1.29
C LYS B 99 4.56 -7.97 0.96
N ASN B 100 3.69 -6.97 0.85
CA ASN B 100 4.13 -5.60 0.60
C ASN B 100 5.03 -5.10 1.73
N MET B 101 4.63 -5.35 2.97
CA MET B 101 5.43 -4.92 4.11
C MET B 101 6.78 -5.60 4.15
N ASP B 102 6.81 -6.85 3.71
CA ASP B 102 8.04 -7.63 3.71
C ASP B 102 9.12 -6.95 2.86
N ASP B 103 8.68 -6.18 1.86
CA ASP B 103 9.58 -5.51 0.93
C ASP B 103 9.85 -4.04 1.25
N MET B 104 9.26 -3.53 2.33
CA MET B 104 9.37 -2.10 2.65
C MET B 104 10.78 -1.74 3.11
N PRO B 105 11.34 -0.60 2.63
CA PRO B 105 12.68 -0.23 3.06
C PRO B 105 12.88 -0.22 4.59
N ILE B 106 11.91 0.30 5.33
CA ILE B 106 12.02 0.39 6.79
C ILE B 106 12.26 -0.96 7.45
N LEU B 107 11.77 -2.04 6.83
CA LEU B 107 11.92 -3.38 7.39
C LEU B 107 13.10 -4.16 6.81
N ASN B 108 13.90 -3.52 5.97
CA ASN B 108 15.00 -4.18 5.28
C ASN B 108 16.32 -3.44 5.48
N ILE B 109 16.46 -2.82 6.66
CA ILE B 109 17.73 -2.22 7.07
C ILE B 109 18.75 -3.32 7.36
N PRO B 110 19.98 -3.19 6.82
CA PRO B 110 20.99 -4.24 6.92
C PRO B 110 21.12 -4.88 8.30
N GLU B 111 21.30 -4.10 9.35
CA GLU B 111 21.57 -4.71 10.67
C GLU B 111 20.38 -5.56 11.14
N ASN B 112 19.19 -5.19 10.68
CA ASN B 112 17.98 -5.86 11.15
C ASN B 112 17.70 -7.15 10.40
N VAL B 113 17.91 -7.15 9.10
CA VAL B 113 17.71 -8.36 8.32
C VAL B 113 18.81 -9.38 8.58
N GLU B 114 20.02 -8.89 8.88
CA GLU B 114 21.12 -9.77 9.31
C GLU B 114 20.73 -10.52 10.58
N LEU B 115 20.14 -9.82 11.54
CA LEU B 115 19.70 -10.45 12.76
C LEU B 115 18.60 -11.44 12.48
N TRP B 116 17.62 -11.05 11.67
CA TRP B 116 16.49 -11.94 11.41
C TRP B 116 16.96 -13.22 10.70
N ASP B 117 17.88 -13.10 9.75
CA ASP B 117 18.37 -14.29 9.06
C ASP B 117 19.03 -15.24 10.07
N LYS B 118 19.67 -14.66 11.09
CA LYS B 118 20.40 -15.44 12.11
C LYS B 118 19.46 -16.19 13.06
N ILE B 119 18.34 -15.57 13.42
CA ILE B 119 17.49 -16.14 14.47
C ILE B 119 16.24 -16.83 13.91
N LYS B 120 16.10 -16.81 12.60
CA LYS B 120 14.93 -17.38 11.92
C LYS B 120 14.79 -18.87 12.17
N ALA B 121 15.90 -19.62 12.08
CA ALA B 121 15.82 -21.07 12.20
C ALA B 121 15.24 -21.52 13.52
N GLU B 122 15.55 -20.81 14.61
CA GLU B 122 15.03 -21.18 15.92
C GLU B 122 13.51 -21.04 15.93
N ASN B 123 13.01 -19.99 15.29
CA ASN B 123 11.59 -19.73 15.29
C ASN B 123 10.82 -20.66 14.36
N GLU B 124 11.51 -21.15 13.33
CA GLU B 124 10.95 -22.14 12.42
C GLU B 124 10.63 -23.48 13.11
N LYS B 125 11.20 -23.70 14.30
CA LYS B 125 10.93 -24.93 15.08
C LYS B 125 9.55 -24.96 15.71
N TYR B 126 8.93 -23.79 15.82
CA TYR B 126 7.67 -23.64 16.53
C TYR B 126 6.48 -23.91 15.63
N GLU B 127 5.43 -24.47 16.22
CA GLU B 127 4.12 -24.43 15.63
C GLU B 127 3.29 -23.54 16.54
N GLY B 128 2.60 -22.58 15.94
CA GLY B 128 1.96 -21.50 16.68
C GLY B 128 0.96 -21.91 17.74
N GLN B 129 0.13 -22.91 17.43
CA GLN B 129 -0.91 -23.32 18.37
C GLN B 129 -0.26 -23.93 19.62
N GLN B 130 0.67 -24.85 19.41
CA GLN B 130 1.40 -25.41 20.56
C GLN B 130 2.22 -24.35 21.31
N LEU B 131 2.78 -23.39 20.58
CA LEU B 131 3.55 -22.33 21.20
C LEU B 131 2.67 -21.49 22.11
N LEU B 132 1.48 -21.17 21.63
CA LEU B 132 0.54 -20.42 22.46
C LEU B 132 0.19 -21.19 23.76
N ALA B 133 -0.11 -22.48 23.60
CA ALA B 133 -0.43 -23.31 24.76
C ALA B 133 0.73 -23.31 25.76
N ASP B 134 1.94 -23.52 25.23
CA ASP B 134 3.13 -23.61 26.08
C ASP B 134 3.46 -22.30 26.77
N LEU B 135 3.39 -21.19 26.04
CA LEU B 135 3.75 -19.91 26.64
C LEU B 135 2.80 -19.54 27.77
N VAL B 136 1.52 -19.83 27.56
CA VAL B 136 0.52 -19.56 28.57
C VAL B 136 0.68 -20.50 29.78
N MET B 137 0.79 -21.80 29.52
CA MET B 137 0.76 -22.78 30.61
C MET B 137 2.04 -22.77 31.42
N ASN B 138 3.17 -22.48 30.77
CA ASN B 138 4.48 -22.54 31.43
C ASN B 138 4.88 -21.26 32.14
N SER B 139 4.12 -20.19 31.90
CA SER B 139 4.42 -18.91 32.54
C SER B 139 4.20 -18.96 34.04
N GLU B 140 5.05 -18.25 34.79
CA GLU B 140 4.91 -18.18 36.25
C GLU B 140 3.71 -17.31 36.62
N GLU B 141 3.57 -16.18 35.94
CA GLU B 141 2.43 -15.31 36.12
C GLU B 141 1.47 -15.47 34.94
N LYS B 142 0.20 -15.16 35.15
CA LYS B 142 -0.81 -15.36 34.12
C LYS B 142 -0.51 -14.52 32.87
N VAL B 143 -1.01 -14.98 31.74
CA VAL B 143 -0.70 -14.37 30.45
C VAL B 143 -1.98 -13.78 29.85
N THR B 144 -1.85 -12.57 29.32
CA THR B 144 -2.91 -11.94 28.54
C THR B 144 -2.67 -12.28 27.07
N ILE B 145 -3.68 -12.81 26.41
CA ILE B 145 -3.60 -13.10 24.98
C ILE B 145 -4.30 -11.98 24.24
N CYS B 146 -3.58 -11.34 23.33
CA CYS B 146 -4.18 -10.34 22.47
C CYS B 146 -4.42 -11.03 21.13
N VAL B 147 -5.68 -11.23 20.78
CA VAL B 147 -6.05 -11.94 19.56
C VAL B 147 -6.56 -10.96 18.52
N THR B 148 -5.82 -10.85 17.42
CA THR B 148 -6.16 -9.86 16.38
C THR B 148 -6.44 -10.53 15.05
N GLY B 149 -6.34 -11.86 15.02
CA GLY B 149 -6.83 -12.65 13.91
C GLY B 149 -7.98 -13.52 14.36
N PRO B 150 -8.27 -14.58 13.60
CA PRO B 150 -9.30 -15.53 14.04
C PRO B 150 -9.02 -16.28 15.34
N LEU B 151 -10.06 -16.89 15.90
CA LEU B 151 -9.96 -17.52 17.22
C LEU B 151 -9.54 -18.99 17.23
N SER B 152 -9.07 -19.47 16.08
CA SER B 152 -8.68 -20.88 15.89
C SER B 152 -7.64 -21.36 16.88
N ASN B 153 -6.69 -20.50 17.22
CA ASN B 153 -5.57 -20.93 18.06
C ASN B 153 -5.96 -21.00 19.53
N VAL B 154 -6.69 -20.00 20.02
CA VAL B 154 -7.22 -20.09 21.37
C VAL B 154 -8.16 -21.29 21.51
N ALA B 155 -9.01 -21.52 20.51
CA ALA B 155 -9.91 -22.68 20.54
C ALA B 155 -9.16 -24.00 20.58
N TRP B 156 -8.09 -24.09 19.80
CA TRP B 156 -7.26 -25.30 19.76
C TRP B 156 -6.72 -25.58 21.15
N CYS B 157 -6.26 -24.55 21.84
CA CYS B 157 -5.71 -24.71 23.19
C CYS B 157 -6.77 -25.16 24.19
N ILE B 158 -7.95 -24.57 24.10
CA ILE B 158 -9.07 -24.94 24.96
C ILE B 158 -9.45 -26.40 24.71
N ASP B 159 -9.58 -26.79 23.45
CA ASP B 159 -9.96 -28.16 23.10
C ASP B 159 -8.95 -29.20 23.60
N LYS B 160 -7.67 -28.86 23.51
CA LYS B 160 -6.61 -29.81 23.89
C LYS B 160 -6.35 -29.86 25.39
N TYR B 161 -6.35 -28.70 26.06
CA TYR B 161 -5.93 -28.61 27.44
C TYR B 161 -7.00 -28.18 28.44
N GLY B 162 -8.11 -27.65 27.94
CA GLY B 162 -9.21 -27.22 28.82
C GLY B 162 -8.76 -26.27 29.92
N GLU B 163 -9.12 -26.59 31.15
CA GLU B 163 -8.85 -25.72 32.30
CA GLU B 163 -8.85 -25.72 32.30
C GLU B 163 -7.35 -25.56 32.57
N LYS B 164 -6.54 -26.54 32.14
CA LYS B 164 -5.10 -26.44 32.32
C LYS B 164 -4.56 -25.23 31.57
N PHE B 165 -5.23 -24.88 30.48
CA PHE B 165 -4.90 -23.70 29.67
C PHE B 165 -5.66 -22.46 30.17
N THR B 166 -6.99 -22.57 30.27
CA THR B 166 -7.80 -21.39 30.60
C THR B 166 -7.54 -20.78 31.97
N SER B 167 -7.19 -21.61 32.95
CA SER B 167 -6.89 -21.11 34.30
CA SER B 167 -6.88 -21.12 34.30
C SER B 167 -5.63 -20.24 34.31
N LYS B 168 -4.80 -20.37 33.27
CA LYS B 168 -3.56 -19.63 33.19
C LYS B 168 -3.66 -18.35 32.36
N VAL B 169 -4.84 -18.11 31.79
CA VAL B 169 -5.08 -16.91 31.01
C VAL B 169 -5.62 -15.80 31.91
N GLU B 170 -4.90 -14.68 31.97
CA GLU B 170 -5.39 -13.51 32.70
C GLU B 170 -6.67 -13.02 32.03
N GLU B 171 -6.57 -12.72 30.75
CA GLU B 171 -7.72 -12.42 29.92
C GLU B 171 -7.34 -12.57 28.47
N CYS B 172 -8.36 -12.80 27.66
CA CYS B 172 -8.22 -12.89 26.22
CA CYS B 172 -8.26 -12.88 26.20
C CYS B 172 -8.86 -11.62 25.66
N VAL B 173 -8.03 -10.75 25.09
CA VAL B 173 -8.52 -9.51 24.52
C VAL B 173 -8.60 -9.70 23.01
N ILE B 174 -9.84 -9.69 22.49
CA ILE B 174 -10.12 -10.20 21.15
C ILE B 174 -10.62 -9.08 20.26
N MET B 175 -10.05 -8.97 19.06
CA MET B 175 -10.67 -8.16 18.04
C MET B 175 -11.53 -9.09 17.22
N GLY B 176 -12.83 -8.85 17.25
CA GLY B 176 -13.72 -9.65 16.44
C GLY B 176 -15.17 -9.45 16.77
N GLY B 177 -16.03 -9.80 15.81
CA GLY B 177 -17.45 -9.77 16.02
C GLY B 177 -18.12 -8.42 15.80
N ALA B 178 -19.43 -8.44 15.94
CA ALA B 178 -20.29 -7.28 15.73
C ALA B 178 -21.57 -7.63 16.47
N VAL B 179 -21.87 -6.84 17.50
CA VAL B 179 -22.92 -7.25 18.42
C VAL B 179 -24.22 -6.52 18.12
N ASP B 180 -24.17 -5.20 18.25
CA ASP B 180 -25.34 -4.34 18.06
C ASP B 180 -25.11 -3.39 16.89
N VAL B 181 -24.23 -3.79 15.97
CA VAL B 181 -24.00 -3.08 14.72
C VAL B 181 -23.86 -4.12 13.61
N ARG B 182 -23.88 -3.67 12.37
CA ARG B 182 -23.70 -4.55 11.22
C ARG B 182 -22.29 -5.14 11.22
N GLY B 183 -22.13 -6.27 10.52
CA GLY B 183 -20.82 -6.87 10.34
C GLY B 183 -20.07 -6.23 9.19
N ASN B 184 -19.05 -6.93 8.71
CA ASN B 184 -18.28 -6.44 7.57
C ASN B 184 -17.98 -7.51 6.54
N VAL B 185 -18.64 -8.67 6.69
CA VAL B 185 -18.56 -9.74 5.70
C VAL B 185 -19.72 -9.61 4.70
N PHE B 186 -19.41 -8.99 3.56
CA PHE B 186 -20.41 -8.71 2.54
C PHE B 186 -20.06 -9.50 1.27
N LEU B 187 -20.70 -10.66 1.13
CA LEU B 187 -20.47 -11.57 0.03
C LEU B 187 -21.85 -11.94 -0.54
N PRO B 188 -21.88 -12.45 -1.79
CA PRO B 188 -23.17 -12.90 -2.35
C PRO B 188 -23.93 -13.88 -1.45
N SER B 189 -23.21 -14.66 -0.67
CA SER B 189 -23.81 -15.71 0.18
C SER B 189 -24.13 -15.26 1.61
N THR B 190 -23.81 -14.02 1.96
CA THR B 190 -24.00 -13.59 3.34
C THR B 190 -24.94 -12.39 3.50
N ASP B 191 -25.43 -12.22 4.73
CA ASP B 191 -26.38 -11.15 5.02
C ASP B 191 -25.76 -9.90 5.65
N GLY B 192 -24.44 -9.91 5.80
CA GLY B 192 -23.72 -8.75 6.29
C GLY B 192 -23.71 -8.58 7.80
N THR B 193 -24.14 -9.63 8.53
CA THR B 193 -24.16 -9.55 9.98
C THR B 193 -22.86 -10.00 10.65
N ALA B 194 -22.01 -10.71 9.92
CA ALA B 194 -20.80 -11.29 10.51
C ALA B 194 -19.61 -10.38 10.30
N GLU B 195 -18.64 -10.49 11.20
CA GLU B 195 -17.35 -9.82 11.06
C GLU B 195 -16.29 -10.86 10.64
N TRP B 196 -15.28 -10.41 9.91
CA TRP B 196 -14.36 -11.31 9.22
C TRP B 196 -13.57 -12.26 10.11
N ASN B 197 -13.02 -11.79 11.23
CA ASN B 197 -12.23 -12.68 12.08
C ASN B 197 -13.04 -13.85 12.59
N ILE B 198 -14.31 -13.60 12.89
CA ILE B 198 -15.19 -14.68 13.35
C ILE B 198 -15.58 -15.59 12.18
N TYR B 199 -15.98 -14.97 11.07
CA TYR B 199 -16.38 -15.69 9.87
C TYR B 199 -15.29 -16.65 9.36
N TRP B 200 -14.02 -16.30 9.57
CA TRP B 200 -12.93 -17.14 9.08
C TRP B 200 -13.00 -18.53 9.68
N ASP B 201 -13.45 -18.61 10.93
CA ASP B 201 -13.55 -19.91 11.63
C ASP B 201 -14.60 -19.79 12.73
N PRO B 202 -15.89 -19.93 12.36
CA PRO B 202 -16.98 -19.78 13.33
C PRO B 202 -16.94 -20.76 14.50
N ALA B 203 -16.67 -22.05 14.24
CA ALA B 203 -16.69 -23.06 15.29
C ALA B 203 -15.65 -22.76 16.37
N SER B 204 -14.47 -22.30 15.95
CA SER B 204 -13.44 -21.94 16.92
C SER B 204 -13.89 -20.76 17.77
N ALA B 205 -14.50 -19.76 17.13
CA ALA B 205 -15.05 -18.63 17.88
C ALA B 205 -16.13 -19.08 18.88
N LYS B 206 -16.98 -20.02 18.47
CA LYS B 206 -18.03 -20.52 19.36
C LYS B 206 -17.42 -21.15 20.60
N THR B 207 -16.38 -21.96 20.41
CA THR B 207 -15.66 -22.56 21.53
C THR B 207 -15.12 -21.50 22.49
N VAL B 208 -14.52 -20.45 21.95
CA VAL B 208 -13.93 -19.42 22.77
C VAL B 208 -14.98 -18.60 23.52
N PHE B 209 -16.01 -18.14 22.82
CA PHE B 209 -17.00 -17.27 23.45
C PHE B 209 -17.89 -18.00 24.46
N GLY B 210 -18.00 -19.31 24.32
CA GLY B 210 -18.81 -20.11 25.25
C GLY B 210 -18.05 -20.74 26.40
N CYS B 211 -16.74 -20.56 26.45
CA CYS B 211 -15.92 -21.21 27.47
C CYS B 211 -16.07 -20.52 28.84
N PRO B 212 -16.64 -21.22 29.86
CA PRO B 212 -16.89 -20.56 31.14
CA PRO B 212 -16.89 -20.62 31.18
C PRO B 212 -15.61 -20.18 31.88
N GLY B 213 -14.53 -20.92 31.65
CA GLY B 213 -13.27 -20.68 32.36
C GLY B 213 -12.38 -19.57 31.82
N LEU B 214 -12.84 -18.90 30.76
CA LEU B 214 -12.03 -17.87 30.09
C LEU B 214 -12.58 -16.44 30.27
N ARG B 215 -11.76 -15.53 30.80
CA ARG B 215 -12.13 -14.11 30.81
C ARG B 215 -11.87 -13.51 29.43
N ARG B 216 -12.88 -12.87 28.87
CA ARG B 216 -12.78 -12.32 27.51
C ARG B 216 -13.15 -10.85 27.48
N ILE B 217 -12.31 -10.05 26.84
CA ILE B 217 -12.62 -8.68 26.46
C ILE B 217 -12.76 -8.68 24.94
N MET B 218 -13.83 -8.08 24.43
CA MET B 218 -14.18 -8.15 23.01
C MET B 218 -14.25 -6.76 22.41
N PHE B 219 -13.33 -6.50 21.49
CA PHE B 219 -13.38 -5.30 20.65
C PHE B 219 -14.07 -5.69 19.37
N SER B 220 -15.40 -5.63 19.41
CA SER B 220 -16.23 -5.85 18.22
C SER B 220 -16.34 -4.57 17.39
N LEU B 221 -17.01 -4.66 16.22
CA LEU B 221 -17.13 -3.46 15.37
C LEU B 221 -17.88 -2.35 16.10
N ASP B 222 -18.67 -2.71 17.11
CA ASP B 222 -19.40 -1.70 17.89
C ASP B 222 -18.48 -0.62 18.40
N SER B 223 -17.27 -1.00 18.82
CA SER B 223 -16.30 -0.04 19.33
C SER B 223 -15.34 0.42 18.25
N THR B 224 -14.85 -0.50 17.42
CA THR B 224 -13.86 -0.13 16.41
C THR B 224 -14.39 0.86 15.38
N ASN B 225 -15.69 0.77 15.10
CA ASN B 225 -16.37 1.70 14.16
C ASN B 225 -16.24 3.17 14.57
N THR B 226 -16.04 3.42 15.87
CA THR B 226 -16.09 4.80 16.37
C THR B 226 -14.71 5.45 16.41
N VAL B 227 -13.68 4.73 15.97
CA VAL B 227 -12.32 5.28 15.96
C VAL B 227 -11.77 5.26 14.52
N PRO B 228 -12.20 6.25 13.71
CA PRO B 228 -11.70 6.26 12.35
C PRO B 228 -10.23 6.69 12.28
N VAL B 229 -9.52 6.14 11.30
CA VAL B 229 -8.16 6.57 10.96
C VAL B 229 -8.24 7.58 9.81
N ARG B 230 -7.97 8.84 10.14
CA ARG B 230 -8.13 9.94 9.22
C ARG B 230 -6.77 10.39 8.69
N SER B 231 -6.75 10.95 7.47
CA SER B 231 -5.50 11.41 6.85
C SER B 231 -4.68 12.40 7.68
N PRO B 232 -5.31 13.44 8.27
CA PRO B 232 -4.44 14.34 9.03
C PRO B 232 -3.72 13.65 10.18
N TYR B 233 -4.38 12.70 10.84
CA TYR B 233 -3.73 11.93 11.90
C TYR B 233 -2.57 11.11 11.33
N VAL B 234 -2.81 10.38 10.25
CA VAL B 234 -1.74 9.57 9.66
C VAL B 234 -0.55 10.46 9.29
N GLN B 235 -0.84 11.65 8.77
CA GLN B 235 0.21 12.59 8.37
C GLN B 235 1.06 13.08 9.53
N ARG B 236 0.53 13.01 10.76
CA ARG B 236 1.32 13.39 11.93
C ARG B 236 2.57 12.51 12.12
N PHE B 237 2.53 11.27 11.62
CA PHE B 237 3.72 10.43 11.70
C PHE B 237 4.87 11.02 10.89
N GLY B 238 4.52 11.84 9.90
CA GLY B 238 5.50 12.59 9.09
C GLY B 238 6.28 13.62 9.90
N GLU B 239 5.74 13.99 11.08
CA GLU B 239 6.45 14.88 11.99
C GLU B 239 7.51 14.14 12.81
N GLN B 240 7.55 12.82 12.67
CA GLN B 240 8.37 11.96 13.52
C GLN B 240 9.28 11.04 12.72
N THR B 241 9.77 11.50 11.57
CA THR B 241 10.51 10.60 10.66
C THR B 241 11.90 10.22 11.18
N ASN B 242 12.34 10.86 12.26
CA ASN B 242 13.60 10.46 12.89
C ASN B 242 13.41 9.23 13.77
N PHE B 243 12.15 8.79 13.93
CA PHE B 243 11.85 7.58 14.68
C PHE B 243 11.44 6.47 13.71
N LEU B 244 12.15 5.36 13.78
CA LEU B 244 11.89 4.22 12.90
C LEU B 244 10.46 3.71 13.02
N LEU B 245 9.94 3.68 14.24
CA LEU B 245 8.58 3.18 14.47
C LEU B 245 7.53 4.10 13.84
N SER B 246 7.87 5.38 13.68
CA SER B 246 6.92 6.31 13.08
C SER B 246 6.89 6.16 11.56
N ILE B 247 8.05 5.92 10.95
CA ILE B 247 8.06 5.54 9.55
C ILE B 247 7.24 4.26 9.34
N LEU B 248 7.46 3.28 10.22
CA LEU B 248 6.76 2.01 10.12
C LEU B 248 5.25 2.14 10.29
N VAL B 249 4.82 2.71 11.41
CA VAL B 249 3.39 2.81 11.71
C VAL B 249 2.70 3.74 10.71
N GLY B 250 3.34 4.86 10.40
CA GLY B 250 2.77 5.81 9.43
C GLY B 250 2.58 5.17 8.07
N THR B 251 3.57 4.40 7.64
CA THR B 251 3.48 3.72 6.36
C THR B 251 2.32 2.74 6.35
N MET B 252 2.18 1.95 7.42
CA MET B 252 1.11 0.97 7.44
C MET B 252 -0.28 1.61 7.50
N TRP B 253 -0.46 2.66 8.29
CA TRP B 253 -1.73 3.39 8.25
C TRP B 253 -2.03 3.97 6.88
N ALA B 254 -1.00 4.54 6.24
CA ALA B 254 -1.17 5.15 4.92
C ALA B 254 -1.66 4.13 3.89
N MET B 255 -1.24 2.87 4.03
CA MET B 255 -1.63 1.78 3.13
C MET B 255 -3.00 1.19 3.48
N GLY B 256 -3.52 1.51 4.66
CA GLY B 256 -4.73 0.84 5.17
C GLY B 256 -6.03 1.57 4.89
N GLY B 257 -7.12 1.01 5.41
CA GLY B 257 -8.43 1.62 5.28
C GLY B 257 -8.69 2.61 6.40
N GLY B 258 -9.95 2.77 6.76
CA GLY B 258 -10.33 3.80 7.69
C GLY B 258 -10.47 3.37 9.12
N TYR B 259 -10.06 2.15 9.46
CA TYR B 259 -10.18 1.66 10.83
C TYR B 259 -8.88 1.16 11.44
N ALA B 260 -8.87 1.12 12.76
CA ALA B 260 -7.70 0.75 13.56
C ALA B 260 -7.99 -0.49 14.38
N TRP B 261 -8.85 -1.37 13.85
CA TRP B 261 -9.41 -2.50 14.61
C TRP B 261 -8.44 -3.13 15.61
N ASP B 262 -7.37 -3.73 15.09
CA ASP B 262 -6.48 -4.49 15.96
C ASP B 262 -5.62 -3.62 16.86
N ALA B 263 -5.30 -2.43 16.38
CA ALA B 263 -4.48 -1.51 17.17
C ALA B 263 -5.23 -1.01 18.40
N LEU B 264 -6.53 -0.75 18.23
CA LEU B 264 -7.35 -0.34 19.35
C LEU B 264 -7.40 -1.45 20.42
N THR B 265 -7.52 -2.68 19.94
CA THR B 265 -7.56 -3.85 20.79
C THR B 265 -6.28 -4.00 21.63
N ALA B 266 -5.13 -3.87 20.97
CA ALA B 266 -3.83 -3.87 21.65
C ALA B 266 -3.66 -2.68 22.60
N ALA B 267 -4.21 -1.52 22.23
CA ALA B 267 -4.12 -0.35 23.09
C ALA B 267 -4.77 -0.61 24.45
N TYR B 268 -5.86 -1.37 24.45
CA TYR B 268 -6.54 -1.72 25.68
C TYR B 268 -5.66 -2.61 26.57
N VAL B 269 -4.92 -3.53 25.94
CA VAL B 269 -3.97 -4.35 26.69
C VAL B 269 -2.92 -3.46 27.37
N VAL B 270 -2.46 -2.44 26.67
CA VAL B 270 -1.48 -1.50 27.26
C VAL B 270 -2.13 -0.70 28.42
N ASP B 271 -3.36 -0.22 28.21
CA ASP B 271 -4.03 0.59 29.22
C ASP B 271 -5.53 0.49 29.08
N GLN B 272 -6.19 -0.07 30.09
CA GLN B 272 -7.64 -0.31 30.02
C GLN B 272 -8.48 0.96 29.97
N LYS B 273 -7.85 2.11 30.23
CA LYS B 273 -8.53 3.41 30.06
C LYS B 273 -9.04 3.61 28.63
N VAL B 274 -8.53 2.81 27.69
CA VAL B 274 -8.96 2.88 26.29
C VAL B 274 -10.48 2.69 26.13
N ALA B 275 -11.10 1.83 26.94
CA ALA B 275 -12.54 1.63 26.82
C ALA B 275 -13.16 1.05 28.06
N ASN B 276 -14.41 1.41 28.31
CA ASN B 276 -15.22 0.72 29.27
C ASN B 276 -15.76 -0.56 28.64
N VAL B 277 -16.19 -1.49 29.48
CA VAL B 277 -16.66 -2.79 29.00
C VAL B 277 -17.99 -3.16 29.65
N ASP B 278 -18.88 -3.79 28.86
CA ASP B 278 -20.19 -4.24 29.31
C ASP B 278 -20.25 -5.76 29.16
N PRO B 279 -20.67 -6.48 30.22
CA PRO B 279 -20.85 -7.93 30.05
C PRO B 279 -22.05 -8.29 29.16
N VAL B 280 -21.80 -9.17 28.19
CA VAL B 280 -22.81 -9.65 27.26
C VAL B 280 -22.54 -11.13 27.01
N PRO B 281 -23.58 -12.00 27.10
CA PRO B 281 -23.43 -13.40 26.72
CA PRO B 281 -23.41 -13.39 26.71
C PRO B 281 -23.39 -13.52 25.19
N ILE B 282 -22.24 -13.95 24.65
CA ILE B 282 -22.02 -13.98 23.20
C ILE B 282 -21.95 -15.41 22.68
N ASP B 283 -22.87 -15.72 21.77
CA ASP B 283 -22.84 -16.99 21.05
C ASP B 283 -22.43 -16.70 19.60
N VAL B 284 -22.14 -17.76 18.84
CA VAL B 284 -21.70 -17.61 17.45
C VAL B 284 -22.48 -18.56 16.56
N VAL B 285 -22.96 -18.05 15.43
CA VAL B 285 -23.63 -18.87 14.42
C VAL B 285 -22.60 -19.65 13.61
N VAL B 286 -22.69 -20.98 13.65
CA VAL B 286 -21.73 -21.82 12.95
C VAL B 286 -22.35 -22.53 11.74
N ASP B 287 -23.66 -22.39 11.60
CA ASP B 287 -24.40 -23.04 10.53
C ASP B 287 -24.06 -22.40 9.20
N LYS B 288 -24.11 -23.19 8.13
CA LYS B 288 -23.80 -22.73 6.78
C LYS B 288 -25.00 -21.96 6.23
N GLN B 289 -25.20 -20.77 6.79
CA GLN B 289 -26.35 -19.93 6.50
C GLN B 289 -25.85 -18.52 6.16
N PRO B 290 -26.73 -17.63 5.69
CA PRO B 290 -26.27 -16.25 5.38
C PRO B 290 -25.63 -15.53 6.55
N ASN B 291 -26.01 -15.90 7.78
CA ASN B 291 -25.48 -15.25 8.97
C ASN B 291 -24.36 -16.05 9.64
N GLU B 292 -23.77 -16.99 8.91
CA GLU B 292 -22.61 -17.75 9.39
C GLU B 292 -21.56 -16.78 9.94
N GLY B 293 -21.09 -17.05 11.15
CA GLY B 293 -20.09 -16.19 11.76
C GLY B 293 -20.61 -15.03 12.59
N ALA B 294 -21.92 -14.83 12.60
CA ALA B 294 -22.49 -13.76 13.42
C ALA B 294 -22.24 -14.04 14.89
N THR B 295 -21.87 -13.01 15.64
CA THR B 295 -21.81 -13.06 17.09
C THR B 295 -23.10 -12.45 17.59
N VAL B 296 -23.86 -13.23 18.36
CA VAL B 296 -25.22 -12.87 18.75
C VAL B 296 -25.38 -12.96 20.26
N ARG B 297 -26.19 -12.07 20.83
CA ARG B 297 -26.57 -12.17 22.23
C ARG B 297 -27.40 -13.43 22.39
N THR B 298 -27.13 -14.19 23.45
CA THR B 298 -27.93 -15.37 23.79
C THR B 298 -28.62 -15.23 25.15
N ASP B 299 -29.84 -15.75 25.26
CA ASP B 299 -30.62 -15.71 26.51
C ASP B 299 -30.39 -16.92 27.40
N ALA B 300 -29.62 -17.90 26.90
CA ALA B 300 -29.41 -19.16 27.62
C ALA B 300 -28.95 -18.91 29.06
N GLU B 301 -29.62 -19.53 30.03
CA GLU B 301 -29.28 -19.29 31.44
C GLU B 301 -27.85 -19.72 31.75
N ASN B 302 -27.16 -18.90 32.55
CA ASN B 302 -25.79 -19.15 33.00
C ASN B 302 -24.75 -19.17 31.87
N TYR B 303 -25.12 -18.63 30.71
CA TYR B 303 -24.17 -18.56 29.60
C TYR B 303 -23.04 -17.60 29.99
N PRO B 304 -21.78 -18.01 29.74
CA PRO B 304 -20.65 -17.17 30.13
C PRO B 304 -20.65 -15.75 29.54
N LEU B 305 -20.13 -14.81 30.32
CA LEU B 305 -20.11 -13.41 29.92
C LEU B 305 -18.83 -13.06 29.18
N THR B 306 -18.99 -12.17 28.20
CA THR B 306 -17.89 -11.55 27.47
C THR B 306 -17.99 -10.05 27.73
N PHE B 307 -16.87 -9.41 28.03
CA PHE B 307 -16.85 -7.99 28.31
C PHE B 307 -16.60 -7.20 27.04
N VAL B 308 -17.68 -6.66 26.50
CA VAL B 308 -17.66 -6.01 25.18
C VAL B 308 -17.28 -4.55 25.33
N ALA B 309 -16.27 -4.11 24.58
CA ALA B 309 -15.81 -2.74 24.68
C ALA B 309 -16.87 -1.76 24.17
N ARG B 310 -16.98 -0.63 24.85
CA ARG B 310 -17.93 0.41 24.46
C ARG B 310 -17.27 1.78 24.53
N ASN B 311 -17.73 2.68 23.66
CA ASN B 311 -17.30 4.09 23.64
CA ASN B 311 -17.32 4.09 23.70
C ASN B 311 -15.82 4.26 23.94
N PRO B 312 -14.98 3.74 23.03
CA PRO B 312 -13.54 3.87 23.25
C PRO B 312 -13.06 5.31 23.23
N GLU B 313 -12.00 5.57 24.00
CA GLU B 313 -11.41 6.90 24.08
C GLU B 313 -10.51 7.11 22.87
N ALA B 314 -11.09 7.64 21.79
CA ALA B 314 -10.39 7.77 20.52
C ALA B 314 -9.12 8.60 20.60
N GLU B 315 -9.22 9.80 21.15
CA GLU B 315 -8.08 10.69 21.29
C GLU B 315 -6.95 10.10 22.16
N PHE B 316 -7.33 9.46 23.27
CA PHE B 316 -6.35 8.82 24.15
C PHE B 316 -5.60 7.72 23.38
N PHE B 317 -6.33 6.93 22.60
CA PHE B 317 -5.74 5.89 21.79
C PHE B 317 -4.79 6.47 20.74
N LEU B 318 -5.28 7.47 20.02
CA LEU B 318 -4.49 8.08 18.96
C LEU B 318 -3.20 8.71 19.49
N ASP B 319 -3.29 9.39 20.63
CA ASP B 319 -2.11 9.91 21.32
C ASP B 319 -1.16 8.81 21.78
N MET B 320 -1.71 7.73 22.34
CA MET B 320 -0.90 6.61 22.77
C MET B 320 -0.05 6.06 21.62
N LEU B 321 -0.66 5.91 20.45
CA LEU B 321 0.05 5.34 19.32
C LEU B 321 1.16 6.27 18.80
N LEU B 322 0.86 7.56 18.68
CA LEU B 322 1.87 8.51 18.26
C LEU B 322 3.07 8.53 19.18
N ARG B 323 2.80 8.49 20.49
CA ARG B 323 3.86 8.51 21.49
C ARG B 323 4.66 7.22 21.46
N SER B 324 3.95 6.09 21.38
CA SER B 324 4.58 4.77 21.34
C SER B 324 5.51 4.65 20.13
N ALA B 325 5.12 5.32 19.03
CA ALA B 325 5.92 5.31 17.81
C ALA B 325 7.16 6.22 17.86
N ARG B 326 7.40 6.81 19.04
CA ARG B 326 8.66 7.51 19.28
C ARG B 326 9.64 6.70 20.12
N ALA B 327 9.28 5.46 20.44
CA ALA B 327 10.14 4.61 21.27
C ALA B 327 11.50 4.34 20.62
N CYS B 328 11.52 4.26 19.29
CA CYS B 328 12.76 4.22 18.52
C CYS B 328 12.41 4.48 17.06
CA CA C . 0.75 5.79 -15.35
NA NA D . -7.07 21.26 -4.38
O5' IMH E . -0.34 -0.31 -18.59
O5' IMH E . -0.83 -0.19 -18.49
C5' IMH E . 0.66 0.38 -17.82
C5' IMH E . 0.29 0.34 -17.78
C4' IMH E . 0.18 1.80 -17.48
C4' IMH E . 0.01 1.82 -17.43
N4' IMH E . -1.16 1.77 -16.84
N4' IMH E . -1.21 1.92 -16.60
C3' IMH E . 1.09 2.48 -16.46
C3' IMH E . 1.12 2.51 -16.62
O3' IMH E . 1.10 3.90 -16.73
O3' IMH E . 1.20 3.89 -17.02
C2' IMH E . 0.47 2.21 -15.08
C2' IMH E . 0.68 2.39 -15.14
O2' IMH E . 0.50 3.39 -14.25
O2' IMH E . 0.84 3.64 -14.42
C1' IMH E . -0.98 1.80 -15.36
C1' IMH E . -0.81 2.02 -15.16
C9 IMH E . -1.27 0.40 -14.78
C9 IMH E . -1.04 0.66 -14.45
C8 IMH E . -1.34 -0.73 -15.48
C8 IMH E . -0.54 0.30 -13.27
N7 IMH E . -1.61 -1.74 -14.65
N7 IMH E . -0.97 -0.95 -12.99
C5 IMH E . -1.73 -1.26 -13.42
C5 IMH E . -1.74 -1.40 -14.00
C6 IMH E . -2.00 -1.89 -12.20
C6 IMH E . -2.42 -2.59 -14.24
O6 IMH E . -2.19 -3.09 -12.16
O6 IMH E . -2.39 -3.51 -13.42
N1 IMH E . -2.06 -1.10 -11.05
N1 IMH E . -3.15 -2.72 -15.43
C2 IMH E . -1.84 0.29 -11.15
C2 IMH E . -3.16 -1.65 -16.33
N3 IMH E . -1.57 0.85 -12.32
N3 IMH E . -2.51 -0.54 -16.08
C4 IMH E . -1.53 0.11 -13.45
C4 IMH E . -1.81 -0.38 -14.95
CA CA F . -6.10 -8.92 12.02
O5' IMH G . -12.74 -7.01 10.83
O5' IMH G . -12.67 -7.29 10.50
C5' IMH G . -11.50 -6.44 11.29
C5' IMH G . -11.52 -6.65 11.06
C4' IMH G . -10.45 -7.55 11.45
C4' IMH G . -10.38 -7.68 11.14
N4' IMH G . -10.31 -8.35 10.21
N4' IMH G . -10.06 -8.20 9.80
C3' IMH G . -9.05 -7.01 11.73
C3' IMH G . -9.09 -7.07 11.69
O3' IMH G . -8.35 -7.96 12.55
O3' IMH G . -8.42 -8.03 12.51
C2' IMH G . -8.39 -6.85 10.34
C2' IMH G . -8.26 -6.71 10.45
O2' IMH G . -7.01 -7.28 10.37
O2' IMH G . -6.88 -7.11 10.65
C1' IMH G . -9.22 -7.74 9.38
C1' IMH G . -8.85 -7.52 9.29
C9 IMH G . -9.85 -6.90 8.24
C9 IMH G . -9.26 -6.56 8.15
C8 IMH G . -11.14 -6.58 8.15
C8 IMH G . -8.45 -5.71 7.52
N7 IMH G . -11.32 -5.86 7.04
N7 IMH G . -9.17 -5.05 6.61
C5 IMH G . -10.16 -5.71 6.41
C5 IMH G . -10.44 -5.47 6.64
C6 IMH G . -9.78 -5.05 5.23
C6 IMH G . -11.59 -5.12 5.93
O6 IMH G . -10.60 -4.45 4.54
O6 IMH G . -11.57 -4.27 5.03
N1 IMH G . -8.44 -5.09 4.85
N1 IMH G . -12.78 -5.78 6.23
C2 IMH G . -7.51 -5.79 5.65
C2 IMH G . -12.80 -6.76 7.23
N3 IMH G . -7.90 -6.39 6.77
N3 IMH G . -11.70 -7.06 7.90
C4 IMH G . -9.18 -6.37 7.15
C4 IMH G . -10.53 -6.44 7.62
#